data_2C6T
#
_entry.id   2C6T
#
_cell.length_a   160.418
_cell.length_b   161.345
_cell.length_c   66.221
_cell.angle_alpha   90.00
_cell.angle_beta   90.00
_cell.angle_gamma   90.00
#
_symmetry.space_group_name_H-M   'P 21 21 2'
#
loop_
_entity.id
_entity.type
_entity.pdbx_description
1 polymer 'CELL DIVISION PROTEIN KINASE 2'
2 polymer 'CYCLIN A2'
3 non-polymer 4-{[5-(CYCLOHEXYLOXY)[1,2,4]TRIAZOLO[1,5-A]PYRIMIDIN-7-YL]AMINO}BENZENESULFONAMIDE
4 water water
#
loop_
_entity_poly.entity_id
_entity_poly.type
_entity_poly.pdbx_seq_one_letter_code
_entity_poly.pdbx_strand_id
1 'polypeptide(L)'
;MENFQKVEKIGEGTYGVVYKARNKLTGEVVALKKIRLDTETEGVPSTAIREISLLKELNHPNIVKLLDVIHTENKLYLVF
EFLHQDLKKFMDASALTGIPLPLIKSYLFQLLQGLAFCHSHRVLHRDLKPQNLLINTEGAIKLADFGLARAFGVPVRTY
(TPO)HEVVTLWYRAPEILLGCKYYSTAVDIWSLGCIFAEMVTRRALFPGDSEIDQLFRIFRTLGTPDEVVWPGVTSMPD
YKPSFPKWARQDFSKVVPPLDEDGRSLLSQMLHYDPNKRISAKAALAHPFFQDVTKPVPHLRL
;
A,C
2 'polypeptide(L)'
;VPDYHEDIHTYLREMEVKCKPKVGYMKKQPDITNSMRAILVDWLVEVGEEYKLQNETLHLAVNYIDRFLSSMSVLRGKLQ
LVGTAAMLLASKFEEIYPPEVAEFVYITDDTYTKKQVLRMEHLVLKVLTFDLAAPTVNQFLTQYFLHQQPANCKVESLAM
FLGELSLIDADPYLKYLPSVIAGAAFHLALYTVTGQSWPESLIRKTGYTLESLKPCLMDLHQTYLKAPQHAQQSIREKYK
NSKYHGVSLLNPPETLNL
;
B,D
#
loop_
_chem_comp.id
_chem_comp.type
_chem_comp.name
_chem_comp.formula
DT5 non-polymer 4-{[5-(CYCLOHEXYLOXY)[1,2,4]TRIAZOLO[1,5-A]PYRIMIDIN-7-YL]AMINO}BENZENESULFONAMIDE 'C17 H20 N6 O3 S'
#
# COMPACT_ATOMS: atom_id res chain seq x y z
N MET A 1 -6.41 -2.35 -50.23
CA MET A 1 -4.91 -2.36 -50.22
C MET A 1 -4.22 -1.78 -51.47
N GLU A 2 -4.94 -1.77 -52.59
CA GLU A 2 -4.42 -1.31 -53.88
C GLU A 2 -4.46 0.21 -54.00
N ASN A 3 -5.27 0.87 -53.16
CA ASN A 3 -5.37 2.32 -53.13
C ASN A 3 -4.15 3.01 -52.54
N PHE A 4 -3.22 2.26 -52.00
CA PHE A 4 -2.12 2.89 -51.30
C PHE A 4 -0.84 2.93 -52.12
N GLN A 5 -0.28 4.12 -52.28
CA GLN A 5 1.03 4.30 -52.89
C GLN A 5 2.04 4.60 -51.79
N LYS A 6 2.91 3.63 -51.50
CA LYS A 6 4.01 3.78 -50.55
C LYS A 6 4.94 4.87 -51.08
N VAL A 7 5.36 5.78 -50.21
CA VAL A 7 6.29 6.84 -50.60
C VAL A 7 7.71 6.46 -50.18
N GLU A 8 7.90 6.22 -48.88
CA GLU A 8 9.18 5.79 -48.33
C GLU A 8 8.98 5.12 -46.95
N LYS A 9 10.05 4.54 -46.41
CA LYS A 9 10.10 4.09 -45.03
C LYS A 9 10.30 5.28 -44.08
N ILE A 10 9.58 5.32 -42.98
CA ILE A 10 9.64 6.45 -42.04
C ILE A 10 9.99 6.03 -40.61
N GLY A 11 9.93 4.71 -40.35
CA GLY A 11 10.30 4.15 -39.08
C GLY A 11 10.22 2.64 -39.05
N GLU A 12 10.79 2.11 -37.98
CA GLU A 12 10.81 0.70 -37.68
C GLU A 12 10.84 0.62 -36.15
N GLY A 13 9.69 0.34 -35.54
CA GLY A 13 9.60 0.36 -34.09
C GLY A 13 9.72 -0.99 -33.41
N THR A 14 8.90 -1.23 -32.39
CA THR A 14 8.96 -2.46 -31.62
C THR A 14 8.75 -3.66 -32.53
N TYR A 15 7.76 -3.56 -33.42
CA TYR A 15 7.55 -4.59 -34.44
C TYR A 15 7.13 -4.00 -35.82
N GLY A 16 7.40 -4.73 -36.89
CA GLY A 16 7.00 -4.32 -38.22
C GLY A 16 7.71 -3.10 -38.75
N VAL A 17 7.28 -2.64 -39.93
CA VAL A 17 7.89 -1.50 -40.63
C VAL A 17 6.82 -0.46 -40.97
N VAL A 18 7.17 0.83 -40.95
CA VAL A 18 6.18 1.86 -41.21
C VAL A 18 6.57 2.74 -42.42
N TYR A 19 5.62 2.93 -43.33
CA TYR A 19 5.82 3.72 -44.53
C TYR A 19 4.96 4.97 -44.51
N LYS A 20 5.44 6.03 -45.20
CA LYS A 20 4.60 7.17 -45.59
C LYS A 20 3.86 6.75 -46.86
N ALA A 21 2.54 6.94 -46.87
CA ALA A 21 1.77 6.58 -48.06
C ALA A 21 0.67 7.60 -48.44
N ARG A 22 0.18 7.49 -49.69
CA ARG A 22 -0.94 8.31 -50.16
C ARG A 22 -2.05 7.43 -50.68
N ASN A 23 -3.29 7.72 -50.23
CA ASN A 23 -4.51 7.18 -50.84
C ASN A 23 -4.54 7.71 -52.27
N LYS A 24 -4.40 6.82 -53.23
CA LYS A 24 -4.49 7.18 -54.64
C LYS A 24 -5.81 7.95 -54.92
N LEU A 25 -6.90 7.57 -54.25
CA LEU A 25 -8.24 8.06 -54.58
C LEU A 25 -8.62 9.32 -53.85
N THR A 26 -8.35 9.40 -52.56
CA THR A 26 -8.72 10.59 -51.81
C THR A 26 -7.60 11.60 -51.62
N GLY A 27 -6.36 11.19 -51.92
CA GLY A 27 -5.20 12.04 -51.71
C GLY A 27 -4.75 12.16 -50.26
N GLU A 28 -5.48 11.60 -49.29
CA GLU A 28 -5.05 11.62 -47.89
C GLU A 28 -3.63 11.01 -47.70
N VAL A 29 -2.81 11.66 -46.89
CA VAL A 29 -1.48 11.15 -46.57
C VAL A 29 -1.48 10.46 -45.21
N VAL A 30 -0.99 9.23 -45.20
CA VAL A 30 -1.06 8.36 -44.03
C VAL A 30 0.24 7.61 -43.73
N ALA A 31 0.27 6.98 -42.57
CA ALA A 31 1.38 6.15 -42.18
C ALA A 31 0.88 4.74 -42.22
N LEU A 32 1.62 3.88 -42.91
CA LEU A 32 1.24 2.50 -43.13
C LEU A 32 2.20 1.55 -42.39
N LYS A 33 1.67 0.78 -41.43
CA LYS A 33 2.49 -0.20 -40.74
C LYS A 33 2.21 -1.58 -41.31
N LYS A 34 3.30 -2.29 -41.63
CA LYS A 34 3.28 -3.61 -42.21
C LYS A 34 3.74 -4.63 -41.18
N ILE A 35 2.88 -5.60 -40.85
CA ILE A 35 3.27 -6.72 -40.01
C ILE A 35 3.13 -8.00 -40.84
N ARG A 36 4.25 -8.70 -41.03
CA ARG A 36 4.26 -9.97 -41.78
C ARG A 36 3.66 -11.05 -40.88
N LEU A 37 2.87 -11.96 -41.46
CA LEU A 37 2.33 -13.08 -40.66
C LEU A 37 2.89 -14.50 -41.03
N ASP A 38 3.57 -14.63 -42.19
CA ASP A 38 4.20 -15.90 -42.66
C ASP A 38 3.64 -17.18 -42.01
N THR A 39 2.43 -17.56 -42.44
CA THR A 39 1.52 -18.46 -41.71
C THR A 39 2.08 -19.55 -40.76
N GLU A 40 2.93 -20.45 -41.27
CA GLU A 40 3.31 -21.71 -40.60
C GLU A 40 3.54 -21.74 -39.06
N THR A 41 3.86 -20.60 -38.45
CA THR A 41 4.42 -20.58 -37.08
C THR A 41 3.45 -20.29 -35.92
N GLU A 42 3.24 -19.01 -35.58
CA GLU A 42 2.66 -18.68 -34.28
C GLU A 42 1.43 -17.79 -34.29
N GLY A 43 0.97 -17.42 -35.49
CA GLY A 43 -0.22 -16.61 -35.65
C GLY A 43 0.09 -15.14 -35.55
N VAL A 44 -0.93 -14.33 -35.27
CA VAL A 44 -0.80 -12.89 -35.13
C VAL A 44 -0.05 -12.60 -33.81
N PRO A 45 1.00 -11.78 -33.86
CA PRO A 45 1.85 -11.52 -32.68
C PRO A 45 1.13 -10.75 -31.58
N SER A 46 1.48 -11.02 -30.33
CA SER A 46 0.73 -10.43 -29.21
C SER A 46 0.95 -8.93 -29.15
N THR A 47 2.10 -8.53 -29.65
CA THR A 47 2.45 -7.16 -29.78
C THR A 47 1.40 -6.37 -30.62
N ALA A 48 0.81 -7.04 -31.61
CA ALA A 48 -0.18 -6.42 -32.50
C ALA A 48 -1.61 -6.50 -31.96
N ILE A 49 -2.00 -7.68 -31.43
CA ILE A 49 -3.25 -7.83 -30.68
C ILE A 49 -3.36 -6.67 -29.69
N ARG A 50 -2.36 -6.49 -28.84
CA ARG A 50 -2.35 -5.39 -27.88
C ARG A 50 -2.43 -4.00 -28.53
N GLU A 51 -1.57 -3.72 -29.50
CA GLU A 51 -1.50 -2.36 -30.05
C GLU A 51 -2.83 -1.96 -30.71
N ILE A 52 -3.36 -2.86 -31.54
CA ILE A 52 -4.60 -2.56 -32.26
C ILE A 52 -5.75 -2.43 -31.29
N SER A 53 -5.88 -3.35 -30.33
CA SER A 53 -7.07 -3.33 -29.49
C SER A 53 -7.10 -2.13 -28.57
N LEU A 54 -5.93 -1.81 -28.02
CA LEU A 54 -5.73 -0.64 -27.19
C LEU A 54 -5.94 0.68 -27.94
N LEU A 55 -5.35 0.81 -29.12
CA LEU A 55 -5.46 2.02 -29.94
C LEU A 55 -6.86 2.27 -30.43
N LYS A 56 -7.64 1.19 -30.65
CA LYS A 56 -9.05 1.29 -31.04
C LYS A 56 -9.82 2.13 -30.01
N GLU A 57 -9.40 2.08 -28.76
CA GLU A 57 -10.06 2.89 -27.77
C GLU A 57 -9.17 4.00 -27.16
N LEU A 58 -8.10 4.38 -27.84
CA LEU A 58 -7.28 5.46 -27.33
C LEU A 58 -7.42 6.62 -28.30
N ASN A 59 -8.63 7.14 -28.42
CA ASN A 59 -8.87 8.26 -29.31
C ASN A 59 -8.76 9.60 -28.62
N HIS A 60 -7.65 10.27 -28.85
CA HIS A 60 -7.35 11.53 -28.18
C HIS A 60 -6.40 12.32 -29.09
N PRO A 61 -6.50 13.67 -29.09
CA PRO A 61 -5.64 14.54 -29.92
C PRO A 61 -4.13 14.32 -29.76
N ASN A 62 -3.68 13.83 -28.61
CA ASN A 62 -2.26 13.69 -28.34
C ASN A 62 -1.78 12.25 -28.45
N ILE A 63 -2.62 11.41 -29.06
CA ILE A 63 -2.25 10.04 -29.42
C ILE A 63 -2.50 9.89 -30.92
N VAL A 64 -1.56 9.20 -31.59
CA VAL A 64 -1.67 9.03 -33.03
C VAL A 64 -2.89 8.20 -33.32
N LYS A 65 -3.71 8.65 -34.27
CA LYS A 65 -5.01 8.00 -34.56
C LYS A 65 -4.84 6.81 -35.51
N LEU A 66 -5.47 5.70 -35.12
CA LEU A 66 -5.53 4.52 -35.97
C LEU A 66 -6.78 4.65 -36.81
N LEU A 67 -6.61 4.65 -38.12
CA LEU A 67 -7.70 4.95 -39.05
C LEU A 67 -8.32 3.68 -39.59
N ASP A 68 -7.49 2.67 -39.81
CA ASP A 68 -8.00 1.45 -40.39
C ASP A 68 -7.08 0.30 -40.14
N VAL A 69 -7.64 -0.91 -40.14
CA VAL A 69 -6.87 -2.13 -40.08
C VAL A 69 -7.20 -2.90 -41.35
N ILE A 70 -6.21 -3.02 -42.24
CA ILE A 70 -6.37 -3.84 -43.43
C ILE A 70 -5.67 -5.14 -43.18
N HIS A 71 -6.46 -6.20 -43.18
CA HIS A 71 -6.07 -7.50 -42.67
C HIS A 71 -6.07 -8.55 -43.78
N THR A 72 -5.00 -8.62 -44.58
CA THR A 72 -4.91 -9.70 -45.58
C THR A 72 -4.60 -11.02 -44.85
N GLU A 73 -4.42 -12.10 -45.59
CA GLU A 73 -4.05 -13.37 -44.98
C GLU A 73 -2.52 -13.52 -44.91
N ASN A 74 -1.81 -12.89 -45.85
CA ASN A 74 -0.34 -12.89 -45.84
C ASN A 74 0.25 -11.78 -44.92
N LYS A 75 -0.35 -10.59 -44.94
CA LYS A 75 0.09 -9.45 -44.11
C LYS A 75 -1.03 -8.80 -43.27
N LEU A 76 -0.65 -7.99 -42.29
CA LEU A 76 -1.57 -7.13 -41.56
C LEU A 76 -1.06 -5.69 -41.67
N TYR A 77 -1.96 -4.75 -41.94
CA TYR A 77 -1.61 -3.36 -42.20
C TYR A 77 -2.41 -2.43 -41.29
N LEU A 78 -1.72 -1.48 -40.66
CA LEU A 78 -2.36 -0.49 -39.81
C LEU A 78 -2.23 0.87 -40.46
N VAL A 79 -3.34 1.60 -40.58
CA VAL A 79 -3.33 2.94 -41.19
C VAL A 79 -3.43 4.01 -40.11
N PHE A 80 -2.43 4.88 -40.02
CA PHE A 80 -2.42 5.93 -39.01
C PHE A 80 -2.43 7.31 -39.66
N GLU A 81 -2.91 8.32 -38.93
CA GLU A 81 -2.77 9.71 -39.39
C GLU A 81 -1.28 9.98 -39.55
N PHE A 82 -0.90 10.72 -40.56
CA PHE A 82 0.51 10.96 -40.80
C PHE A 82 1.09 12.09 -39.97
N LEU A 83 2.21 11.81 -39.33
CA LEU A 83 2.98 12.89 -38.66
C LEU A 83 4.36 13.01 -39.31
N HIS A 84 4.81 14.24 -39.51
CA HIS A 84 6.00 14.44 -40.36
C HIS A 84 7.37 14.25 -39.72
N GLN A 85 7.43 14.24 -38.40
CA GLN A 85 8.70 14.24 -37.69
C GLN A 85 8.57 13.70 -36.25
N ASP A 86 9.62 13.09 -35.74
CA ASP A 86 9.67 12.75 -34.34
C ASP A 86 10.50 13.74 -33.51
N LEU A 87 10.31 13.73 -32.20
CA LEU A 87 10.93 14.70 -31.29
C LEU A 87 12.46 14.61 -31.32
N LYS A 88 12.98 13.42 -31.63
CA LYS A 88 14.42 13.24 -31.74
C LYS A 88 15.06 14.10 -32.84
N LYS A 89 14.49 14.05 -34.04
CA LYS A 89 14.98 14.86 -35.14
C LYS A 89 14.84 16.35 -34.84
N PHE A 90 13.78 16.71 -34.10
CA PHE A 90 13.50 18.10 -33.78
C PHE A 90 14.50 18.62 -32.79
N MET A 91 14.88 17.75 -31.85
CA MET A 91 15.85 18.06 -30.81
C MET A 91 17.26 18.17 -31.37
N ASP A 92 17.57 17.38 -32.41
CA ASP A 92 18.83 17.51 -33.13
C ASP A 92 18.91 18.80 -33.98
N ALA A 93 17.82 19.17 -34.64
CA ALA A 93 17.73 20.37 -35.46
C ALA A 93 17.79 21.66 -34.63
N SER A 94 17.66 21.55 -33.31
CA SER A 94 17.88 22.71 -32.44
C SER A 94 18.83 22.35 -31.29
N ALA A 95 19.89 21.61 -31.63
CA ALA A 95 20.99 21.34 -30.68
C ALA A 95 21.59 22.64 -30.14
N LEU A 96 21.92 23.57 -31.06
CA LEU A 96 22.56 24.85 -30.70
C LEU A 96 21.65 25.87 -30.01
N THR A 97 20.57 26.26 -30.68
CA THR A 97 19.64 27.27 -30.15
C THR A 97 18.76 26.80 -28.96
N GLY A 98 18.62 25.47 -28.81
CA GLY A 98 17.72 24.88 -27.84
C GLY A 98 16.27 25.11 -28.23
N ILE A 99 15.37 24.24 -27.78
CA ILE A 99 13.95 24.51 -27.98
C ILE A 99 13.52 25.64 -27.04
N PRO A 100 12.83 26.65 -27.56
CA PRO A 100 12.26 27.71 -26.73
C PRO A 100 11.37 27.21 -25.59
N LEU A 101 11.52 27.77 -24.39
CA LEU A 101 10.79 27.32 -23.20
C LEU A 101 9.27 27.20 -23.37
N PRO A 102 8.60 28.17 -24.00
CA PRO A 102 7.17 27.99 -24.26
C PRO A 102 6.90 26.67 -25.00
N LEU A 103 7.81 26.29 -25.91
CA LEU A 103 7.56 25.09 -26.71
C LEU A 103 7.78 23.83 -25.89
N ILE A 104 8.72 23.92 -24.96
CA ILE A 104 8.98 22.85 -24.05
C ILE A 104 7.74 22.67 -23.20
N LYS A 105 7.30 23.76 -22.58
CA LYS A 105 6.13 23.77 -21.72
C LYS A 105 4.95 23.09 -22.43
N SER A 106 4.66 23.56 -23.63
CA SER A 106 3.49 23.11 -24.33
C SER A 106 3.60 21.66 -24.75
N TYR A 107 4.72 21.26 -25.31
CA TYR A 107 4.91 19.84 -25.60
C TYR A 107 4.70 18.96 -24.36
N LEU A 108 5.35 19.30 -23.25
CA LEU A 108 5.20 18.59 -21.97
C LEU A 108 3.75 18.52 -21.51
N PHE A 109 3.05 19.65 -21.52
CA PHE A 109 1.63 19.73 -21.22
C PHE A 109 0.84 18.75 -22.09
N GLN A 110 1.10 18.82 -23.40
CA GLN A 110 0.43 17.92 -24.31
C GLN A 110 0.77 16.45 -24.06
N LEU A 111 2.04 16.13 -23.80
CA LEU A 111 2.45 14.74 -23.55
C LEU A 111 1.80 14.18 -22.27
N LEU A 112 1.73 15.04 -21.24
CA LEU A 112 1.05 14.70 -20.01
C LEU A 112 -0.45 14.46 -20.22
N GLN A 113 -1.07 15.27 -21.08
CA GLN A 113 -2.50 15.13 -21.41
C GLN A 113 -2.78 13.81 -22.11
N GLY A 114 -1.95 13.46 -23.09
CA GLY A 114 -2.04 12.17 -23.75
C GLY A 114 -1.75 10.98 -22.85
N LEU A 115 -0.83 11.15 -21.89
CA LEU A 115 -0.49 10.04 -21.03
C LEU A 115 -1.55 9.84 -19.96
N ALA A 116 -2.16 10.94 -19.52
CA ALA A 116 -3.19 10.86 -18.49
C ALA A 116 -4.37 10.06 -19.06
N PHE A 117 -4.66 10.31 -20.32
CA PHE A 117 -5.76 9.67 -20.99
C PHE A 117 -5.52 8.15 -21.02
N CYS A 118 -4.31 7.72 -21.42
CA CYS A 118 -3.88 6.30 -21.32
C CYS A 118 -4.07 5.74 -19.91
N HIS A 119 -3.34 6.26 -18.93
CA HIS A 119 -3.44 5.79 -17.55
C HIS A 119 -4.90 5.71 -17.07
N SER A 120 -5.67 6.76 -17.35
CA SER A 120 -7.08 6.79 -16.97
C SER A 120 -7.95 5.82 -17.76
N HIS A 121 -7.43 5.29 -18.86
CA HIS A 121 -8.11 4.20 -19.57
C HIS A 121 -7.39 2.89 -19.35
N ARG A 122 -6.78 2.78 -18.18
CA ARG A 122 -6.00 1.61 -17.79
C ARG A 122 -5.03 1.02 -18.85
N VAL A 123 -4.36 1.89 -19.61
CA VAL A 123 -3.28 1.46 -20.48
C VAL A 123 -1.92 2.03 -20.04
N LEU A 124 -0.90 1.18 -20.01
CA LEU A 124 0.48 1.58 -19.78
C LEU A 124 1.17 1.54 -21.12
N HIS A 125 1.89 2.60 -21.45
CA HIS A 125 2.54 2.64 -22.73
C HIS A 125 3.85 1.84 -22.71
N ARG A 126 4.68 2.06 -21.71
CA ARG A 126 5.88 1.25 -21.46
C ARG A 126 7.02 1.36 -22.49
N ASP A 127 6.98 2.37 -23.36
CA ASP A 127 8.10 2.65 -24.26
C ASP A 127 8.23 4.14 -24.62
N LEU A 128 8.05 5.04 -23.66
CA LEU A 128 8.15 6.46 -24.02
C LEU A 128 9.60 6.87 -24.17
N LYS A 129 9.87 7.49 -25.33
CA LYS A 129 11.18 8.03 -25.69
C LYS A 129 11.01 9.05 -26.83
N PRO A 130 12.03 9.85 -27.11
CA PRO A 130 11.89 10.92 -28.11
C PRO A 130 11.49 10.41 -29.52
N GLN A 131 11.98 9.25 -29.95
CA GLN A 131 11.60 8.77 -31.28
C GLN A 131 10.18 8.16 -31.39
N ASN A 132 9.48 8.02 -30.27
CA ASN A 132 8.10 7.55 -30.27
C ASN A 132 7.10 8.69 -30.06
N LEU A 133 7.62 9.91 -30.00
CA LEU A 133 6.77 11.09 -29.90
C LEU A 133 6.78 11.87 -31.21
N LEU A 134 5.62 12.01 -31.81
CA LEU A 134 5.50 12.52 -33.17
C LEU A 134 4.90 13.90 -33.17
N ILE A 135 5.45 14.77 -34.01
CA ILE A 135 4.98 16.15 -34.12
C ILE A 135 4.48 16.45 -35.52
N ASN A 136 3.50 17.34 -35.59
CA ASN A 136 3.06 17.93 -36.85
C ASN A 136 3.54 19.39 -36.95
N THR A 137 3.15 20.08 -38.02
CA THR A 137 3.61 21.45 -38.28
C THR A 137 2.80 22.51 -37.48
N GLU A 138 1.64 22.10 -36.95
CA GLU A 138 0.71 23.00 -36.22
C GLU A 138 1.00 23.19 -34.72
N GLY A 139 2.03 22.53 -34.18
CA GLY A 139 2.34 22.62 -32.75
C GLY A 139 1.92 21.46 -31.87
N ALA A 140 1.29 20.44 -32.46
CA ALA A 140 0.87 19.26 -31.70
C ALA A 140 2.03 18.28 -31.51
N ILE A 141 1.97 17.49 -30.43
CA ILE A 141 2.86 16.33 -30.28
C ILE A 141 1.98 15.16 -29.83
N LYS A 142 2.28 13.96 -30.30
CA LYS A 142 1.44 12.81 -29.99
C LYS A 142 2.23 11.58 -29.58
N LEU A 143 1.69 10.80 -28.65
CA LEU A 143 2.26 9.49 -28.32
C LEU A 143 2.04 8.52 -29.47
N ALA A 144 3.09 7.77 -29.80
CA ALA A 144 3.01 6.80 -30.86
C ALA A 144 3.65 5.49 -30.43
N ASP A 145 3.58 4.49 -31.31
CA ASP A 145 4.10 3.14 -31.08
C ASP A 145 3.67 2.45 -29.75
N PHE A 146 2.48 1.87 -29.79
CA PHE A 146 1.90 1.21 -28.65
C PHE A 146 2.16 -0.29 -28.69
N GLY A 147 3.15 -0.68 -29.50
CA GLY A 147 3.57 -2.07 -29.61
C GLY A 147 3.91 -2.73 -28.29
N LEU A 148 4.50 -1.97 -27.37
CA LEU A 148 4.87 -2.48 -26.05
C LEU A 148 3.85 -2.15 -24.91
N ALA A 149 2.69 -1.61 -25.27
CA ALA A 149 1.65 -1.25 -24.32
C ALA A 149 0.92 -2.45 -23.71
N ARG A 150 0.28 -2.26 -22.55
CA ARG A 150 -0.66 -3.26 -22.04
C ARG A 150 -1.80 -2.66 -21.20
N ALA A 151 -2.88 -3.43 -20.99
CA ALA A 151 -4.01 -2.99 -20.15
C ALA A 151 -3.70 -3.47 -18.76
N PHE A 152 -3.67 -2.58 -17.78
CA PHE A 152 -3.33 -3.03 -16.44
C PHE A 152 -4.61 -3.17 -15.63
N GLY A 153 -4.45 -3.72 -14.43
CA GLY A 153 -5.60 -3.96 -13.57
C GLY A 153 -5.47 -3.22 -12.26
N VAL A 154 -6.60 -3.11 -11.56
CA VAL A 154 -6.66 -2.52 -10.24
C VAL A 154 -7.01 -3.66 -9.27
N PRO A 155 -6.06 -4.07 -8.43
CA PRO A 155 -4.69 -3.53 -8.42
C PRO A 155 -3.81 -4.25 -9.47
N VAL A 156 -2.60 -3.77 -9.69
CA VAL A 156 -1.74 -4.38 -10.70
C VAL A 156 -1.28 -5.78 -10.31
N ARG A 157 -0.57 -6.41 -11.24
CA ARG A 157 -0.09 -7.78 -11.17
C ARG A 157 1.34 -7.76 -11.69
N THR A 158 2.12 -8.82 -11.44
CA THR A 158 3.40 -8.89 -12.15
C THR A 158 3.19 -8.83 -13.68
N TYR A 159 3.87 -7.89 -14.33
CA TYR A 159 3.86 -7.80 -15.78
C TYR A 159 5.22 -8.12 -16.38
N TPO A 160 5.36 -8.08 -17.69
CA TPO A 160 6.68 -8.39 -18.26
CB TPO A 160 6.48 -8.20 -19.81
CG2 TPO A 160 7.70 -8.59 -20.61
OG1 TPO A 160 5.33 -9.11 -20.14
P TPO A 160 4.07 -8.29 -20.70
O1P TPO A 160 2.95 -9.31 -21.14
O2P TPO A 160 3.51 -7.34 -19.57
O3P TPO A 160 4.53 -7.41 -21.94
C TPO A 160 7.77 -7.46 -17.74
O TPO A 160 7.56 -6.26 -17.52
N HIS A 161 8.94 -8.05 -17.46
CA HIS A 161 10.09 -7.33 -16.92
C HIS A 161 10.88 -6.63 -18.04
N GLU A 162 11.15 -7.34 -19.15
CA GLU A 162 11.91 -6.79 -20.30
C GLU A 162 11.11 -5.66 -20.96
N VAL A 163 11.15 -4.48 -20.35
CA VAL A 163 10.20 -3.40 -20.69
C VAL A 163 10.83 -2.00 -20.62
N VAL A 164 10.42 -1.09 -21.49
CA VAL A 164 11.04 0.25 -21.64
C VAL A 164 12.49 0.23 -22.19
N THR A 165 12.80 1.22 -23.04
CA THR A 165 14.12 1.41 -23.64
C THR A 165 15.09 1.82 -22.55
N LEU A 166 16.30 1.27 -22.59
CA LEU A 166 17.27 1.41 -21.50
C LEU A 166 17.40 2.82 -20.94
N TRP A 167 17.59 3.81 -21.79
CA TRP A 167 17.84 5.15 -21.30
C TRP A 167 16.66 5.73 -20.56
N TYR A 168 15.46 5.21 -20.82
CA TYR A 168 14.25 5.85 -20.31
C TYR A 168 13.54 5.02 -19.22
N ARG A 169 14.25 4.03 -18.68
CA ARG A 169 13.62 2.96 -17.92
C ARG A 169 13.71 3.26 -16.43
N ALA A 170 12.56 3.27 -15.75
CA ALA A 170 12.51 3.58 -14.32
C ALA A 170 13.32 2.59 -13.45
N PRO A 171 13.82 3.08 -12.30
CA PRO A 171 14.64 2.26 -11.40
C PRO A 171 13.90 1.05 -10.78
N GLU A 172 12.59 1.14 -10.52
CA GLU A 172 11.91 -0.03 -9.97
C GLU A 172 12.03 -1.26 -10.90
N ILE A 173 12.17 -1.00 -12.21
CA ILE A 173 12.36 -2.02 -13.23
C ILE A 173 13.82 -2.50 -13.17
N LEU A 174 14.78 -1.56 -13.31
CA LEU A 174 16.20 -1.90 -13.19
C LEU A 174 16.55 -2.69 -11.94
N LEU A 175 15.94 -2.34 -10.81
CA LEU A 175 16.21 -3.00 -9.54
C LEU A 175 15.34 -4.26 -9.31
N GLY A 176 14.38 -4.49 -10.20
CA GLY A 176 13.67 -5.76 -10.23
C GLY A 176 12.45 -5.91 -9.34
N CYS A 177 11.69 -4.83 -9.16
CA CYS A 177 10.55 -4.85 -8.27
C CYS A 177 9.47 -5.81 -8.79
N LYS A 178 8.87 -6.60 -7.90
CA LYS A 178 7.73 -7.45 -8.26
C LYS A 178 6.68 -6.76 -9.18
N TYR A 179 6.44 -5.48 -8.91
CA TYR A 179 5.30 -4.72 -9.38
C TYR A 179 5.74 -3.35 -9.86
N TYR A 180 5.10 -2.88 -10.92
CA TYR A 180 5.23 -1.53 -11.40
C TYR A 180 3.90 -1.19 -12.04
N SER A 181 3.59 0.10 -12.10
CA SER A 181 2.37 0.59 -12.72
C SER A 181 2.63 1.85 -13.53
N THR A 182 1.71 2.80 -13.49
CA THR A 182 1.75 4.03 -14.26
C THR A 182 2.98 4.87 -13.98
N ALA A 183 3.60 4.68 -12.83
CA ALA A 183 4.79 5.47 -12.48
C ALA A 183 5.96 5.28 -13.45
N VAL A 184 6.05 4.11 -14.09
CA VAL A 184 7.16 3.88 -15.02
C VAL A 184 7.06 4.79 -16.22
N ASP A 185 5.84 5.14 -16.63
CA ASP A 185 5.68 6.05 -17.75
C ASP A 185 6.03 7.46 -17.41
N ILE A 186 5.72 7.88 -16.20
CA ILE A 186 6.09 9.21 -15.71
C ILE A 186 7.63 9.39 -15.63
N TRP A 187 8.35 8.39 -15.13
CA TRP A 187 9.80 8.46 -15.13
C TRP A 187 10.32 8.75 -16.53
N SER A 188 9.76 8.07 -17.53
CA SER A 188 10.23 8.27 -18.90
C SER A 188 10.01 9.70 -19.35
N LEU A 189 8.85 10.27 -19.06
CA LEU A 189 8.59 11.66 -19.40
C LEU A 189 9.49 12.66 -18.65
N GLY A 190 9.78 12.38 -17.39
CA GLY A 190 10.81 13.12 -16.67
C GLY A 190 12.13 13.16 -17.43
N CYS A 191 12.56 12.00 -17.89
CA CYS A 191 13.79 11.92 -18.66
C CYS A 191 13.70 12.76 -19.90
N ILE A 192 12.55 12.70 -20.58
CA ILE A 192 12.29 13.40 -21.84
C ILE A 192 12.20 14.93 -21.63
N PHE A 193 11.49 15.37 -20.59
CA PHE A 193 11.47 16.77 -20.18
C PHE A 193 12.91 17.28 -20.08
N ALA A 194 13.75 16.56 -19.32
CA ALA A 194 15.14 16.96 -19.12
C ALA A 194 15.91 17.04 -20.44
N GLU A 195 15.72 16.03 -21.31
CA GLU A 195 16.42 15.98 -22.59
C GLU A 195 16.06 17.19 -23.48
N MET A 196 14.80 17.60 -23.45
CA MET A 196 14.29 18.76 -24.20
C MET A 196 14.92 20.07 -23.76
N VAL A 197 15.33 20.11 -22.49
CA VAL A 197 15.85 21.31 -21.86
C VAL A 197 17.37 21.47 -22.10
N THR A 198 18.10 20.34 -22.10
CA THR A 198 19.57 20.39 -22.17
C THR A 198 20.16 19.96 -23.52
N ARG A 199 19.32 19.46 -24.43
CA ARG A 199 19.81 18.95 -25.71
C ARG A 199 20.33 17.49 -25.68
N ARG A 200 20.81 17.03 -24.52
CA ARG A 200 21.32 15.65 -24.39
C ARG A 200 20.47 14.74 -23.50
N ALA A 201 20.45 13.45 -23.85
CA ALA A 201 19.82 12.42 -23.04
C ALA A 201 20.23 12.59 -21.56
N LEU A 202 19.32 12.31 -20.64
CA LEU A 202 19.65 12.48 -19.23
C LEU A 202 20.51 11.36 -18.64
N PHE A 203 20.11 10.12 -18.84
CA PHE A 203 20.80 8.97 -18.29
C PHE A 203 21.13 7.95 -19.38
N PRO A 204 22.21 8.16 -20.15
CA PRO A 204 22.47 7.34 -21.33
C PRO A 204 23.43 6.21 -21.03
N GLY A 205 22.98 5.18 -20.31
CA GLY A 205 23.82 4.05 -19.98
C GLY A 205 23.94 3.08 -21.12
N ASP A 206 24.85 2.11 -21.02
CA ASP A 206 24.93 1.07 -22.04
C ASP A 206 24.81 -0.35 -21.48
N SER A 207 24.43 -0.46 -20.21
CA SER A 207 24.09 -1.72 -19.57
C SER A 207 23.21 -1.37 -18.40
N GLU A 208 22.60 -2.37 -17.77
CA GLU A 208 21.68 -2.13 -16.66
C GLU A 208 22.37 -1.47 -15.44
N ILE A 209 23.57 -1.94 -15.13
CA ILE A 209 24.27 -1.48 -13.95
C ILE A 209 24.87 -0.09 -14.24
N ASP A 210 25.23 0.14 -15.50
CA ASP A 210 25.67 1.45 -15.96
C ASP A 210 24.55 2.51 -15.92
N GLN A 211 23.34 2.08 -16.32
CA GLN A 211 22.14 2.90 -16.24
C GLN A 211 21.84 3.28 -14.80
N LEU A 212 21.93 2.29 -13.89
CA LEU A 212 21.71 2.53 -12.47
C LEU A 212 22.67 3.58 -11.92
N PHE A 213 23.96 3.35 -12.19
CA PHE A 213 25.02 4.22 -11.74
C PHE A 213 24.85 5.65 -12.26
N ARG A 214 24.41 5.77 -13.51
CA ARG A 214 24.19 7.06 -14.13
C ARG A 214 23.05 7.81 -13.41
N ILE A 215 21.98 7.07 -13.09
CA ILE A 215 20.87 7.64 -12.33
C ILE A 215 21.36 8.04 -10.95
N PHE A 216 22.09 7.14 -10.27
CA PHE A 216 22.61 7.34 -8.91
C PHE A 216 23.49 8.60 -8.85
N ARG A 217 24.43 8.68 -9.77
CA ARG A 217 25.40 9.77 -9.84
C ARG A 217 24.71 11.13 -9.94
N THR A 218 23.48 11.15 -10.45
CA THR A 218 22.73 12.41 -10.60
C THR A 218 21.76 12.65 -9.44
N LEU A 219 20.96 11.64 -9.12
CA LEU A 219 19.88 11.76 -8.16
C LEU A 219 20.27 11.35 -6.75
N GLY A 220 21.51 10.89 -6.60
CA GLY A 220 21.99 10.28 -5.37
C GLY A 220 21.66 8.79 -5.31
N THR A 221 22.56 7.97 -4.74
CA THR A 221 22.25 6.57 -4.52
C THR A 221 21.08 6.50 -3.57
N PRO A 222 20.04 5.76 -3.95
CA PRO A 222 18.83 5.65 -3.14
C PRO A 222 19.10 4.85 -1.87
N ASP A 223 18.36 5.14 -0.79
CA ASP A 223 18.49 4.40 0.47
C ASP A 223 17.11 4.39 1.15
N GLU A 224 17.00 3.79 2.33
CA GLU A 224 15.70 3.67 3.03
C GLU A 224 15.01 5.03 3.28
N VAL A 225 15.81 6.06 3.57
CA VAL A 225 15.30 7.40 3.82
C VAL A 225 14.48 7.95 2.63
N VAL A 226 15.08 7.90 1.45
CA VAL A 226 14.47 8.37 0.22
C VAL A 226 13.48 7.37 -0.46
N TRP A 227 13.70 6.08 -0.28
CA TRP A 227 12.89 5.08 -0.96
C TRP A 227 12.74 3.84 -0.08
N PRO A 228 11.78 3.88 0.86
CA PRO A 228 11.60 2.75 1.80
C PRO A 228 11.57 1.41 1.05
N GLY A 229 12.49 0.50 1.35
CA GLY A 229 12.54 -0.75 0.61
C GLY A 229 13.68 -1.01 -0.39
N VAL A 230 14.34 0.03 -0.92
CA VAL A 230 15.35 -0.21 -1.94
C VAL A 230 16.30 -1.31 -1.55
N THR A 231 16.93 -1.17 -0.39
CA THR A 231 18.03 -2.06 -0.02
C THR A 231 17.59 -3.52 0.11
N SER A 232 16.28 -3.76 0.10
CA SER A 232 15.75 -5.12 0.12
C SER A 232 15.13 -5.54 -1.23
N MET A 233 15.40 -4.79 -2.28
CA MET A 233 14.94 -5.15 -3.61
C MET A 233 15.82 -6.20 -4.28
N PRO A 234 15.24 -7.07 -5.12
CA PRO A 234 15.94 -8.25 -5.64
C PRO A 234 17.30 -7.99 -6.29
N ASP A 235 17.43 -6.96 -7.11
CA ASP A 235 18.71 -6.65 -7.76
C ASP A 235 19.45 -5.47 -7.15
N TYR A 236 19.01 -5.04 -5.98
CA TYR A 236 19.78 -4.09 -5.20
C TYR A 236 20.97 -4.78 -4.52
N LYS A 237 22.11 -4.09 -4.53
CA LYS A 237 23.34 -4.61 -3.95
C LYS A 237 23.93 -3.58 -2.99
N PRO A 238 24.41 -4.05 -1.82
CA PRO A 238 24.98 -3.16 -0.79
C PRO A 238 26.27 -2.49 -1.28
N SER A 239 26.89 -3.08 -2.29
CA SER A 239 28.18 -2.63 -2.80
C SER A 239 28.07 -1.55 -3.86
N PHE A 240 26.84 -1.20 -4.23
CA PHE A 240 26.56 0.00 -5.02
C PHE A 240 27.31 1.18 -4.40
N PRO A 241 28.07 1.92 -5.20
CA PRO A 241 28.67 3.16 -4.71
C PRO A 241 27.64 4.14 -4.12
N LYS A 242 28.02 4.90 -3.10
CA LYS A 242 27.14 5.90 -2.52
C LYS A 242 27.44 7.32 -3.04
N TRP A 243 26.86 7.69 -4.17
CA TRP A 243 27.04 9.02 -4.70
C TRP A 243 26.04 9.99 -4.08
N ALA A 244 26.47 11.22 -3.85
CA ALA A 244 25.58 12.23 -3.31
C ALA A 244 24.68 12.82 -4.41
N ARG A 245 23.48 13.23 -4.02
CA ARG A 245 22.57 13.90 -4.94
C ARG A 245 23.20 15.17 -5.53
N GLN A 246 23.20 15.27 -6.85
CA GLN A 246 23.54 16.50 -7.52
C GLN A 246 22.37 17.45 -7.39
N ASP A 247 22.71 18.73 -7.35
CA ASP A 247 21.79 19.87 -7.34
C ASP A 247 21.09 20.13 -8.68
N PHE A 248 19.78 20.30 -8.67
CA PHE A 248 19.06 20.43 -9.93
C PHE A 248 19.49 21.59 -10.83
N SER A 249 20.04 22.63 -10.21
CA SER A 249 20.46 23.81 -10.95
C SER A 249 21.73 23.52 -11.74
N LYS A 250 22.27 22.31 -11.59
CA LYS A 250 23.41 21.87 -12.38
C LYS A 250 23.02 20.71 -13.30
N VAL A 251 22.02 19.93 -12.88
CA VAL A 251 21.49 18.88 -13.73
C VAL A 251 20.80 19.57 -14.88
N VAL A 252 19.94 20.55 -14.56
CA VAL A 252 19.06 21.16 -15.55
C VAL A 252 19.04 22.72 -15.53
N PRO A 253 20.18 23.35 -15.81
CA PRO A 253 20.34 24.80 -15.57
C PRO A 253 19.28 25.76 -16.17
N PRO A 254 18.85 25.62 -17.43
CA PRO A 254 17.83 26.55 -17.96
C PRO A 254 16.48 26.60 -17.23
N LEU A 255 16.16 25.60 -16.42
CA LEU A 255 14.82 25.52 -15.81
C LEU A 255 14.63 26.50 -14.64
N ASP A 256 13.44 27.07 -14.51
CA ASP A 256 13.14 27.88 -13.34
C ASP A 256 12.71 27.03 -12.12
N GLU A 257 12.31 27.71 -11.05
CA GLU A 257 11.90 27.05 -9.82
C GLU A 257 10.73 26.04 -10.01
N ASP A 258 9.75 26.42 -10.82
CA ASP A 258 8.59 25.57 -11.15
C ASP A 258 8.98 24.31 -11.90
N GLY A 259 9.87 24.44 -12.87
CA GLY A 259 10.29 23.32 -13.70
C GLY A 259 11.12 22.29 -12.94
N ARG A 260 11.97 22.77 -12.04
CA ARG A 260 12.77 21.88 -11.23
C ARG A 260 11.85 21.16 -10.26
N SER A 261 10.88 21.89 -9.71
CA SER A 261 9.90 21.29 -8.83
C SER A 261 9.23 20.11 -9.53
N LEU A 262 8.73 20.37 -10.75
CA LEU A 262 8.04 19.38 -11.55
C LEU A 262 8.99 18.24 -11.89
N LEU A 263 10.19 18.57 -12.38
CA LEU A 263 11.12 17.50 -12.78
C LEU A 263 11.48 16.58 -11.59
N SER A 264 11.63 17.13 -10.39
CA SER A 264 12.02 16.30 -9.26
C SER A 264 10.88 15.35 -8.84
N GLN A 265 9.65 15.74 -9.13
CA GLN A 265 8.52 14.91 -8.76
C GLN A 265 8.30 13.77 -9.73
N MET A 266 8.73 13.96 -10.98
CA MET A 266 8.62 12.94 -11.99
C MET A 266 9.73 11.94 -11.81
N LEU A 267 10.83 12.42 -11.22
CA LEU A 267 12.02 11.60 -10.99
C LEU A 267 12.26 11.22 -9.52
N HIS A 268 11.20 11.06 -8.71
CA HIS A 268 11.35 10.55 -7.34
C HIS A 268 11.68 9.08 -7.49
N TYR A 269 12.59 8.56 -6.66
CA TYR A 269 12.95 7.16 -6.72
C TYR A 269 11.76 6.28 -6.36
N ASP A 270 11.09 6.62 -5.27
CA ASP A 270 9.94 5.88 -4.79
C ASP A 270 8.74 6.06 -5.73
N PRO A 271 8.30 4.98 -6.39
CA PRO A 271 7.13 5.04 -7.29
C PRO A 271 5.89 5.58 -6.62
N ASN A 272 5.68 5.35 -5.32
CA ASN A 272 4.51 5.93 -4.64
C ASN A 272 4.59 7.45 -4.43
N LYS A 273 5.81 8.02 -4.46
CA LYS A 273 5.91 9.48 -4.41
C LYS A 273 5.93 10.11 -5.79
N ARG A 274 6.09 9.32 -6.85
CA ARG A 274 6.20 9.88 -8.21
C ARG A 274 4.85 10.47 -8.64
N ILE A 275 4.85 11.74 -9.03
CA ILE A 275 3.63 12.47 -9.46
C ILE A 275 2.85 11.73 -10.54
N SER A 276 1.55 11.97 -10.63
CA SER A 276 0.73 11.33 -11.65
C SER A 276 0.66 12.24 -12.86
N ALA A 277 0.28 11.71 -14.02
CA ALA A 277 0.09 12.57 -15.20
C ALA A 277 -0.98 13.65 -14.97
N LYS A 278 -2.14 13.26 -14.45
CA LYS A 278 -3.26 14.17 -14.12
C LYS A 278 -2.85 15.23 -13.07
N ALA A 279 -2.16 14.79 -12.02
CA ALA A 279 -1.74 15.73 -10.99
C ALA A 279 -0.73 16.72 -11.54
N ALA A 280 0.20 16.23 -12.38
CA ALA A 280 1.18 17.10 -13.02
C ALA A 280 0.52 18.20 -13.81
N LEU A 281 -0.64 17.93 -14.43
CA LEU A 281 -1.29 18.96 -15.25
C LEU A 281 -1.68 20.19 -14.45
N ALA A 282 -1.83 19.99 -13.15
CA ALA A 282 -2.28 21.03 -12.24
C ALA A 282 -1.11 21.87 -11.70
N HIS A 283 0.11 21.53 -12.08
CA HIS A 283 1.31 22.16 -11.56
C HIS A 283 1.46 23.59 -12.07
N PRO A 284 1.90 24.50 -11.19
CA PRO A 284 2.16 25.90 -11.57
C PRO A 284 3.09 26.08 -12.75
N PHE A 285 3.92 25.11 -13.07
CA PHE A 285 4.75 25.22 -14.27
C PHE A 285 3.90 25.49 -15.52
N PHE A 286 2.66 25.02 -15.51
CA PHE A 286 1.77 25.11 -16.67
C PHE A 286 0.77 26.27 -16.68
N GLN A 287 0.83 27.18 -15.72
CA GLN A 287 -0.21 28.22 -15.65
C GLN A 287 -0.21 29.14 -16.88
N ASP A 288 0.97 29.45 -17.41
CA ASP A 288 1.10 30.34 -18.56
C ASP A 288 1.33 29.59 -19.88
N VAL A 289 0.74 28.42 -20.02
CA VAL A 289 0.99 27.55 -21.18
C VAL A 289 0.26 28.01 -22.46
N THR A 290 0.99 28.09 -23.57
CA THR A 290 0.40 28.43 -24.87
C THR A 290 0.54 27.26 -25.87
N LYS A 291 0.28 27.53 -27.16
CA LYS A 291 0.50 26.53 -28.24
C LYS A 291 1.42 27.05 -29.37
N PRO A 292 2.72 27.19 -29.09
CA PRO A 292 3.66 27.72 -30.08
C PRO A 292 3.80 26.80 -31.31
N VAL A 293 3.98 27.41 -32.47
CA VAL A 293 4.21 26.72 -33.74
C VAL A 293 5.72 26.79 -34.02
N PRO A 294 6.38 25.63 -34.17
CA PRO A 294 7.80 25.60 -34.53
C PRO A 294 8.10 26.31 -35.88
N HIS A 295 9.24 26.99 -35.94
CA HIS A 295 9.77 27.59 -37.17
C HIS A 295 9.86 26.56 -38.32
N LEU A 296 9.56 25.29 -38.00
CA LEU A 296 9.59 24.11 -38.89
C LEU A 296 9.65 24.43 -40.39
N VAL B 1 -5.43 2.31 -2.55
CA VAL B 1 -6.27 2.93 -3.63
C VAL B 1 -5.36 3.60 -4.65
N PRO B 2 -5.21 2.99 -5.81
CA PRO B 2 -4.33 3.52 -6.86
C PRO B 2 -4.85 4.78 -7.63
N ASP B 3 -3.95 5.47 -8.32
CA ASP B 3 -4.18 6.80 -8.89
C ASP B 3 -5.43 7.00 -9.77
N TYR B 4 -5.79 6.02 -10.57
CA TYR B 4 -6.81 6.32 -11.56
C TYR B 4 -8.07 5.45 -11.39
N HIS B 5 -8.26 4.95 -10.17
CA HIS B 5 -9.20 3.85 -9.95
C HIS B 5 -10.65 4.22 -10.22
N GLU B 6 -11.03 5.44 -9.88
CA GLU B 6 -12.38 5.94 -10.15
C GLU B 6 -12.61 6.20 -11.62
N ASP B 7 -11.59 6.70 -12.31
CA ASP B 7 -11.65 6.94 -13.74
C ASP B 7 -11.79 5.65 -14.53
N ILE B 8 -10.99 4.65 -14.13
CA ILE B 8 -11.01 3.38 -14.80
C ILE B 8 -12.38 2.73 -14.60
N HIS B 9 -12.87 2.79 -13.37
CA HIS B 9 -14.15 2.21 -13.05
C HIS B 9 -15.23 2.81 -13.94
N THR B 10 -15.20 4.14 -14.09
CA THR B 10 -16.19 4.80 -14.94
C THR B 10 -16.08 4.38 -16.40
N TYR B 11 -14.85 4.32 -16.92
CA TYR B 11 -14.60 3.87 -18.29
C TYR B 11 -15.02 2.42 -18.50
N LEU B 12 -14.72 1.55 -17.55
CA LEU B 12 -15.14 0.16 -17.69
C LEU B 12 -16.66 0.07 -17.78
N ARG B 13 -17.36 0.91 -17.01
CA ARG B 13 -18.82 0.94 -16.99
C ARG B 13 -19.36 1.42 -18.34
N GLU B 14 -18.60 2.27 -19.02
CA GLU B 14 -18.89 2.65 -20.38
C GLU B 14 -18.67 1.53 -21.40
N MET B 15 -17.57 0.78 -21.26
CA MET B 15 -17.22 -0.24 -22.24
C MET B 15 -18.01 -1.55 -22.13
N GLU B 16 -18.49 -1.86 -20.93
CA GLU B 16 -19.20 -3.12 -20.73
C GLU B 16 -20.52 -3.18 -21.47
N VAL B 17 -21.08 -2.00 -21.77
CA VAL B 17 -22.31 -1.89 -22.54
C VAL B 17 -22.04 -2.01 -24.03
N LYS B 18 -20.82 -1.68 -24.45
CA LYS B 18 -20.43 -1.76 -25.85
C LYS B 18 -19.87 -3.14 -26.19
N CYS B 19 -19.52 -3.94 -25.17
CA CYS B 19 -18.83 -5.24 -25.36
C CYS B 19 -19.73 -6.44 -25.11
N LYS B 20 -21.03 -6.17 -24.90
CA LYS B 20 -22.00 -7.25 -24.68
C LYS B 20 -22.36 -8.02 -25.97
N PRO B 21 -22.53 -9.33 -25.85
CA PRO B 21 -23.12 -10.16 -26.91
C PRO B 21 -24.63 -10.02 -26.97
N LYS B 22 -25.25 -10.54 -28.03
CA LYS B 22 -26.71 -10.52 -28.15
C LYS B 22 -27.36 -11.47 -27.14
N VAL B 23 -28.33 -10.99 -26.38
CA VAL B 23 -28.94 -11.76 -25.27
C VAL B 23 -29.41 -13.15 -25.64
N GLY B 24 -30.18 -13.24 -26.73
CA GLY B 24 -30.74 -14.51 -27.13
C GLY B 24 -30.14 -15.08 -28.41
N TYR B 25 -28.81 -14.98 -28.55
CA TYR B 25 -28.13 -15.42 -29.75
C TYR B 25 -28.30 -16.93 -29.96
N MET B 26 -28.33 -17.68 -28.87
CA MET B 26 -28.29 -19.15 -28.92
C MET B 26 -29.53 -19.69 -29.59
N LYS B 27 -30.61 -18.96 -29.47
CA LYS B 27 -31.91 -19.32 -29.99
C LYS B 27 -31.91 -19.31 -31.53
N LYS B 28 -31.01 -18.55 -32.17
CA LYS B 28 -30.84 -18.63 -33.63
C LYS B 28 -29.61 -19.46 -34.07
N GLN B 29 -29.01 -20.19 -33.14
CA GLN B 29 -27.95 -21.12 -33.50
C GLN B 29 -28.58 -22.48 -33.82
N PRO B 30 -28.56 -22.91 -35.08
CA PRO B 30 -29.31 -24.10 -35.50
C PRO B 30 -28.74 -25.41 -34.98
N ASP B 31 -27.44 -25.47 -34.69
CA ASP B 31 -26.81 -26.71 -34.29
C ASP B 31 -26.34 -26.78 -32.84
N ILE B 32 -25.97 -25.66 -32.24
CA ILE B 32 -25.38 -25.71 -30.90
C ILE B 32 -26.36 -25.22 -29.86
N THR B 33 -26.12 -25.57 -28.60
CA THR B 33 -27.00 -25.19 -27.50
C THR B 33 -26.26 -24.56 -26.33
N ASN B 34 -27.03 -23.99 -25.40
CA ASN B 34 -26.49 -23.51 -24.13
C ASN B 34 -25.75 -24.61 -23.36
N SER B 35 -26.22 -25.83 -23.53
CA SER B 35 -25.66 -26.98 -22.88
C SER B 35 -24.25 -27.37 -23.40
N MET B 36 -24.07 -27.30 -24.71
CA MET B 36 -22.77 -27.46 -25.33
C MET B 36 -21.81 -26.32 -24.96
N ARG B 37 -22.33 -25.11 -24.85
CA ARG B 37 -21.54 -23.95 -24.42
C ARG B 37 -21.02 -24.16 -23.00
N ALA B 38 -21.87 -24.68 -22.13
CA ALA B 38 -21.45 -25.07 -20.78
C ALA B 38 -20.29 -26.09 -20.79
N ILE B 39 -20.42 -27.13 -21.62
CA ILE B 39 -19.33 -28.07 -21.81
C ILE B 39 -18.02 -27.35 -22.22
N LEU B 40 -18.14 -26.39 -23.14
CA LEU B 40 -17.00 -25.67 -23.70
C LEU B 40 -16.33 -24.78 -22.65
N VAL B 41 -17.14 -24.02 -21.92
CA VAL B 41 -16.61 -23.17 -20.90
C VAL B 41 -15.96 -23.98 -19.79
N ASP B 42 -16.62 -25.06 -19.40
CA ASP B 42 -16.10 -25.95 -18.38
C ASP B 42 -14.77 -26.55 -18.80
N TRP B 43 -14.65 -26.97 -20.06
CA TRP B 43 -13.37 -27.47 -20.56
C TRP B 43 -12.28 -26.37 -20.47
N LEU B 44 -12.65 -25.15 -20.80
CA LEU B 44 -11.73 -24.05 -20.80
C LEU B 44 -11.25 -23.70 -19.39
N VAL B 45 -12.09 -23.93 -18.40
CA VAL B 45 -11.64 -23.85 -17.02
C VAL B 45 -10.53 -24.88 -16.75
N GLU B 46 -10.75 -26.11 -17.23
CA GLU B 46 -9.76 -27.19 -17.15
C GLU B 46 -8.43 -26.81 -17.80
N VAL B 47 -8.50 -26.18 -18.98
CA VAL B 47 -7.33 -25.76 -19.75
C VAL B 47 -6.54 -24.70 -18.97
N GLY B 48 -7.26 -23.75 -18.39
CA GLY B 48 -6.65 -22.67 -17.65
C GLY B 48 -5.93 -23.17 -16.42
N GLU B 49 -6.52 -24.18 -15.76
CA GLU B 49 -5.87 -24.85 -14.63
C GLU B 49 -4.57 -25.54 -15.05
N GLU B 50 -4.63 -26.24 -16.18
CA GLU B 50 -3.50 -27.04 -16.64
C GLU B 50 -2.30 -26.17 -16.99
N TYR B 51 -2.52 -25.02 -17.62
CA TYR B 51 -1.42 -24.15 -18.05
C TYR B 51 -1.24 -22.93 -17.15
N LYS B 52 -1.80 -23.00 -15.95
CA LYS B 52 -1.60 -21.96 -14.94
C LYS B 52 -1.94 -20.56 -15.46
N LEU B 53 -3.00 -20.48 -16.24
CA LEU B 53 -3.45 -19.22 -16.81
C LEU B 53 -4.21 -18.37 -15.79
N GLN B 54 -4.14 -17.06 -15.91
CA GLN B 54 -4.91 -16.15 -15.07
C GLN B 54 -6.41 -16.38 -15.23
N ASN B 55 -7.19 -16.15 -14.19
CA ASN B 55 -8.63 -16.23 -14.31
C ASN B 55 -9.17 -15.17 -15.27
N GLU B 56 -8.47 -14.04 -15.34
CA GLU B 56 -8.82 -12.99 -16.29
C GLU B 56 -8.84 -13.51 -17.75
N THR B 57 -7.93 -14.42 -18.07
CA THR B 57 -7.87 -15.01 -19.39
C THR B 57 -9.12 -15.85 -19.69
N LEU B 58 -9.51 -16.68 -18.72
CA LEU B 58 -10.76 -17.40 -18.82
C LEU B 58 -11.91 -16.45 -19.13
N HIS B 59 -12.03 -15.38 -18.35
CA HIS B 59 -13.11 -14.43 -18.53
C HIS B 59 -13.10 -13.77 -19.91
N LEU B 60 -11.92 -13.36 -20.38
CA LEU B 60 -11.84 -12.80 -21.72
C LEU B 60 -12.29 -13.79 -22.82
N ALA B 61 -11.83 -15.04 -22.76
CA ALA B 61 -12.16 -16.07 -23.78
C ALA B 61 -13.66 -16.29 -23.93
N VAL B 62 -14.37 -16.26 -22.79
CA VAL B 62 -15.79 -16.45 -22.79
C VAL B 62 -16.51 -15.25 -23.43
N ASN B 63 -15.99 -14.05 -23.17
CA ASN B 63 -16.54 -12.84 -23.77
C ASN B 63 -16.34 -12.91 -25.29
N TYR B 64 -15.15 -13.32 -25.72
CA TYR B 64 -14.84 -13.43 -27.14
C TYR B 64 -15.81 -14.41 -27.76
N ILE B 65 -15.97 -15.58 -27.14
CA ILE B 65 -16.83 -16.64 -27.66
C ILE B 65 -18.27 -16.15 -27.81
N ASP B 66 -18.79 -15.50 -26.78
CA ASP B 66 -20.19 -15.07 -26.83
C ASP B 66 -20.41 -14.00 -27.92
N ARG B 67 -19.45 -13.09 -28.05
CA ARG B 67 -19.52 -12.08 -29.09
C ARG B 67 -19.42 -12.73 -30.46
N PHE B 68 -18.54 -13.73 -30.58
CA PHE B 68 -18.40 -14.43 -31.84
C PHE B 68 -19.68 -15.20 -32.23
N LEU B 69 -20.21 -16.02 -31.31
CA LEU B 69 -21.41 -16.79 -31.62
C LEU B 69 -22.64 -15.89 -31.87
N SER B 70 -22.62 -14.64 -31.36
CA SER B 70 -23.67 -13.66 -31.65
C SER B 70 -23.80 -13.35 -33.14
N SER B 71 -22.78 -13.62 -33.94
CA SER B 71 -22.87 -13.25 -35.35
C SER B 71 -22.43 -14.34 -36.32
N MET B 72 -22.00 -15.48 -35.81
CA MET B 72 -21.61 -16.57 -36.68
C MET B 72 -22.31 -17.86 -36.30
N SER B 73 -23.05 -18.45 -37.23
CA SER B 73 -23.58 -19.79 -37.03
C SER B 73 -22.42 -20.75 -36.95
N VAL B 74 -22.44 -21.67 -36.00
CA VAL B 74 -21.29 -22.54 -35.81
C VAL B 74 -21.80 -23.95 -35.61
N LEU B 75 -21.20 -24.90 -36.29
CA LEU B 75 -21.59 -26.31 -36.15
C LEU B 75 -20.88 -26.94 -34.96
N ARG B 76 -21.49 -27.98 -34.38
CA ARG B 76 -20.99 -28.53 -33.11
C ARG B 76 -19.56 -28.97 -33.17
N GLY B 77 -19.12 -29.47 -34.33
CA GLY B 77 -17.79 -30.01 -34.48
C GLY B 77 -16.75 -28.92 -34.59
N LYS B 78 -17.22 -27.69 -34.69
CA LYS B 78 -16.32 -26.58 -34.82
C LYS B 78 -16.35 -25.68 -33.59
N LEU B 79 -17.21 -26.04 -32.62
CA LEU B 79 -17.38 -25.23 -31.41
C LEU B 79 -16.09 -25.14 -30.61
N GLN B 80 -15.43 -26.30 -30.47
CA GLN B 80 -14.19 -26.36 -29.73
C GLN B 80 -13.08 -25.54 -30.38
N LEU B 81 -13.08 -25.52 -31.70
CA LEU B 81 -12.13 -24.74 -32.44
C LEU B 81 -12.28 -23.25 -32.20
N VAL B 82 -13.52 -22.71 -32.15
CA VAL B 82 -13.79 -21.30 -31.78
C VAL B 82 -13.21 -20.98 -30.39
N GLY B 83 -13.53 -21.82 -29.41
CA GLY B 83 -13.04 -21.71 -28.04
C GLY B 83 -11.51 -21.74 -27.86
N THR B 84 -10.86 -22.65 -28.56
CA THR B 84 -9.42 -22.77 -28.54
C THR B 84 -8.76 -21.50 -29.08
N ALA B 85 -9.33 -20.95 -30.14
CA ALA B 85 -8.80 -19.72 -30.74
C ALA B 85 -9.05 -18.57 -29.80
N ALA B 86 -10.25 -18.55 -29.21
CA ALA B 86 -10.59 -17.58 -28.18
C ALA B 86 -9.58 -17.59 -27.03
N MET B 87 -9.25 -18.79 -26.56
CA MET B 87 -8.34 -18.98 -25.45
C MET B 87 -6.96 -18.49 -25.85
N LEU B 88 -6.53 -18.89 -27.04
CA LEU B 88 -5.24 -18.43 -27.57
C LEU B 88 -5.16 -16.89 -27.66
N LEU B 89 -6.19 -16.25 -28.20
CA LEU B 89 -6.25 -14.79 -28.22
C LEU B 89 -6.28 -14.12 -26.84
N ALA B 90 -7.04 -14.70 -25.92
CA ALA B 90 -7.05 -14.21 -24.53
C ALA B 90 -5.69 -14.34 -23.90
N SER B 91 -5.00 -15.43 -24.16
CA SER B 91 -3.68 -15.65 -23.58
C SER B 91 -2.68 -14.65 -24.09
N LYS B 92 -2.70 -14.38 -25.38
CA LYS B 92 -1.79 -13.42 -25.98
C LYS B 92 -2.08 -12.02 -25.50
N PHE B 93 -3.33 -11.75 -25.20
CA PHE B 93 -3.67 -10.45 -24.67
C PHE B 93 -3.21 -10.30 -23.22
N GLU B 94 -3.54 -11.28 -22.39
CA GLU B 94 -3.43 -11.12 -20.96
C GLU B 94 -2.17 -11.67 -20.32
N GLU B 95 -1.64 -12.78 -20.81
CA GLU B 95 -0.60 -13.56 -20.12
C GLU B 95 0.79 -13.03 -20.41
N ILE B 96 1.71 -13.20 -19.47
CA ILE B 96 3.11 -12.80 -19.69
C ILE B 96 3.75 -13.83 -20.62
N TYR B 97 3.41 -15.09 -20.38
CA TYR B 97 3.90 -16.22 -21.16
C TYR B 97 2.74 -17.03 -21.70
N PRO B 98 2.12 -16.59 -22.78
CA PRO B 98 1.02 -17.36 -23.35
C PRO B 98 1.54 -18.74 -23.76
N PRO B 99 0.73 -19.80 -23.64
CA PRO B 99 1.10 -21.09 -24.25
C PRO B 99 1.22 -20.95 -25.78
N GLU B 100 2.03 -21.81 -26.39
CA GLU B 100 2.25 -21.83 -27.83
C GLU B 100 1.05 -22.44 -28.52
N VAL B 101 0.96 -22.19 -29.82
CA VAL B 101 -0.10 -22.75 -30.63
C VAL B 101 -0.08 -24.30 -30.62
N ALA B 102 1.11 -24.88 -30.66
CA ALA B 102 1.24 -26.31 -30.59
C ALA B 102 0.66 -26.87 -29.28
N GLU B 103 0.74 -26.09 -28.18
CA GLU B 103 0.13 -26.52 -26.92
C GLU B 103 -1.42 -26.50 -26.92
N PHE B 104 -2.00 -25.49 -27.54
CA PHE B 104 -3.44 -25.46 -27.78
C PHE B 104 -3.93 -26.53 -28.77
N VAL B 105 -3.08 -26.91 -29.72
CA VAL B 105 -3.41 -28.01 -30.63
C VAL B 105 -3.41 -29.30 -29.84
N TYR B 106 -2.38 -29.46 -29.01
CA TYR B 106 -2.21 -30.65 -28.21
C TYR B 106 -3.36 -30.89 -27.23
N ILE B 107 -3.90 -29.84 -26.61
CA ILE B 107 -5.01 -30.08 -25.67
C ILE B 107 -6.37 -30.31 -26.28
N THR B 108 -6.52 -30.12 -27.59
CA THR B 108 -7.72 -30.62 -28.29
C THR B 108 -7.59 -32.11 -28.66
N ASP B 109 -6.59 -32.79 -28.05
CA ASP B 109 -6.16 -34.13 -28.43
C ASP B 109 -6.15 -34.31 -29.94
N ASP B 110 -5.51 -33.36 -30.63
CA ASP B 110 -5.39 -33.38 -32.09
C ASP B 110 -6.71 -33.44 -32.87
N THR B 111 -7.78 -32.89 -32.30
CA THR B 111 -9.01 -32.73 -33.06
C THR B 111 -8.83 -31.75 -34.26
N TYR B 112 -7.94 -30.78 -34.13
CA TYR B 112 -7.77 -29.76 -35.16
C TYR B 112 -6.33 -29.66 -35.47
N THR B 113 -6.02 -29.12 -36.64
CA THR B 113 -4.62 -28.88 -36.99
C THR B 113 -4.16 -27.54 -36.45
N LYS B 114 -2.86 -27.31 -36.50
CA LYS B 114 -2.31 -25.98 -36.23
C LYS B 114 -2.83 -24.91 -37.22
N LYS B 115 -2.84 -25.24 -38.51
CA LYS B 115 -3.50 -24.44 -39.55
C LYS B 115 -4.91 -23.98 -39.17
N GLN B 116 -5.75 -24.91 -38.71
CA GLN B 116 -7.13 -24.58 -38.38
C GLN B 116 -7.16 -23.57 -37.25
N VAL B 117 -6.36 -23.82 -36.22
CA VAL B 117 -6.30 -22.92 -35.07
C VAL B 117 -5.85 -21.52 -35.47
N LEU B 118 -4.87 -21.41 -36.36
CA LEU B 118 -4.41 -20.08 -36.75
C LEU B 118 -5.40 -19.33 -37.63
N ARG B 119 -6.19 -20.10 -38.41
CA ARG B 119 -7.18 -19.50 -39.30
C ARG B 119 -8.38 -19.02 -38.50
N MET B 120 -8.79 -19.83 -37.54
CA MET B 120 -9.84 -19.43 -36.65
C MET B 120 -9.40 -18.17 -35.89
N GLU B 121 -8.15 -18.12 -35.43
CA GLU B 121 -7.63 -16.96 -34.70
C GLU B 121 -7.82 -15.68 -35.52
N HIS B 122 -7.50 -15.78 -36.80
CA HIS B 122 -7.65 -14.70 -37.76
C HIS B 122 -9.13 -14.34 -37.94
N LEU B 123 -9.99 -15.36 -38.05
CA LEU B 123 -11.42 -15.14 -38.21
C LEU B 123 -12.10 -14.53 -36.98
N VAL B 124 -11.77 -15.02 -35.79
CA VAL B 124 -12.21 -14.39 -34.58
C VAL B 124 -11.84 -12.88 -34.56
N LEU B 125 -10.57 -12.57 -34.86
CA LEU B 125 -10.11 -11.18 -34.91
C LEU B 125 -10.96 -10.31 -35.83
N LYS B 126 -11.29 -10.84 -37.00
CA LYS B 126 -12.10 -10.10 -37.96
C LYS B 126 -13.50 -9.84 -37.43
N VAL B 127 -14.16 -10.88 -36.95
CA VAL B 127 -15.51 -10.78 -36.42
C VAL B 127 -15.54 -9.82 -35.21
N LEU B 128 -14.52 -9.86 -34.37
CA LEU B 128 -14.50 -9.00 -33.20
C LEU B 128 -13.91 -7.62 -33.54
N THR B 129 -13.54 -7.43 -34.81
CA THR B 129 -12.86 -6.21 -35.28
C THR B 129 -11.77 -5.78 -34.30
N PHE B 130 -10.99 -6.76 -33.83
CA PHE B 130 -9.85 -6.53 -32.96
C PHE B 130 -10.17 -5.86 -31.63
N ASP B 131 -11.42 -5.92 -31.16
CA ASP B 131 -11.75 -5.29 -29.88
C ASP B 131 -11.68 -6.30 -28.76
N LEU B 132 -10.50 -6.46 -28.18
CA LEU B 132 -10.28 -7.52 -27.23
C LEU B 132 -10.17 -7.03 -25.79
N ALA B 133 -10.15 -5.73 -25.57
CA ALA B 133 -9.96 -5.26 -24.21
C ALA B 133 -11.30 -5.14 -23.47
N ALA B 134 -12.04 -6.24 -23.42
CA ALA B 134 -13.37 -6.28 -22.77
C ALA B 134 -13.26 -6.23 -21.25
N PRO B 135 -14.16 -5.48 -20.62
CA PRO B 135 -14.36 -5.54 -19.15
C PRO B 135 -14.90 -6.91 -18.76
N THR B 136 -14.46 -7.44 -17.63
CA THR B 136 -14.90 -8.75 -17.17
C THR B 136 -15.43 -8.66 -15.76
N VAL B 137 -16.21 -9.64 -15.32
CA VAL B 137 -16.64 -9.77 -13.93
C VAL B 137 -15.41 -9.59 -13.02
N ASN B 138 -14.37 -10.35 -13.35
CA ASN B 138 -13.08 -10.34 -12.63
C ASN B 138 -12.49 -8.95 -12.39
N GLN B 139 -12.61 -8.06 -13.37
CA GLN B 139 -12.07 -6.71 -13.27
C GLN B 139 -12.87 -5.86 -12.28
N PHE B 140 -14.20 -5.95 -12.35
CA PHE B 140 -15.04 -5.27 -11.39
C PHE B 140 -14.88 -5.84 -9.98
N LEU B 141 -14.79 -7.17 -9.88
CA LEU B 141 -14.61 -7.82 -8.58
C LEU B 141 -13.37 -7.28 -7.85
N THR B 142 -12.21 -7.23 -8.53
CA THR B 142 -10.96 -6.78 -7.88
C THR B 142 -11.04 -5.33 -7.44
N GLN B 143 -11.80 -4.53 -8.18
CA GLN B 143 -12.07 -3.16 -7.78
C GLN B 143 -12.99 -3.06 -6.56
N TYR B 144 -14.04 -3.88 -6.54
CA TYR B 144 -14.95 -3.90 -5.42
C TYR B 144 -14.16 -4.33 -4.18
N PHE B 145 -13.32 -5.35 -4.31
CA PHE B 145 -12.49 -5.88 -3.24
C PHE B 145 -11.78 -4.80 -2.45
N LEU B 146 -11.34 -3.73 -3.10
CA LEU B 146 -10.69 -2.60 -2.42
C LEU B 146 -11.56 -1.85 -1.40
N HIS B 147 -12.87 -2.08 -1.40
CA HIS B 147 -13.78 -1.42 -0.47
C HIS B 147 -14.20 -2.38 0.65
N GLN B 148 -13.31 -3.31 0.97
CA GLN B 148 -13.58 -4.30 2.00
C GLN B 148 -12.94 -3.88 3.30
N GLN B 149 -13.63 -4.19 4.41
CA GLN B 149 -13.29 -3.70 5.77
C GLN B 149 -13.12 -4.80 6.86
N PRO B 150 -11.91 -5.35 7.04
CA PRO B 150 -10.81 -5.20 6.06
C PRO B 150 -10.87 -6.31 5.00
N ALA B 151 -9.73 -6.66 4.40
CA ALA B 151 -9.71 -7.73 3.40
C ALA B 151 -10.07 -9.06 4.07
N ASN B 152 -11.09 -9.74 3.56
CA ASN B 152 -11.34 -11.12 3.92
C ASN B 152 -11.07 -12.01 2.71
N CYS B 153 -10.10 -12.88 2.82
CA CYS B 153 -9.64 -13.67 1.68
C CYS B 153 -10.66 -14.75 1.27
N LYS B 154 -11.47 -15.17 2.23
CA LYS B 154 -12.50 -16.16 1.98
C LYS B 154 -13.66 -15.53 1.22
N VAL B 155 -13.93 -14.27 1.50
CA VAL B 155 -14.93 -13.53 0.74
C VAL B 155 -14.43 -13.36 -0.71
N GLU B 156 -13.19 -12.88 -0.85
CA GLU B 156 -12.59 -12.67 -2.15
C GLU B 156 -12.63 -13.96 -2.98
N SER B 157 -12.13 -15.05 -2.41
CA SER B 157 -12.09 -16.33 -3.11
C SER B 157 -13.46 -16.85 -3.48
N LEU B 158 -14.42 -16.71 -2.57
CA LEU B 158 -15.80 -17.14 -2.82
C LEU B 158 -16.52 -16.30 -3.89
N ALA B 159 -16.23 -15.00 -3.93
CA ALA B 159 -16.79 -14.11 -4.95
C ALA B 159 -16.26 -14.48 -6.35
N MET B 160 -14.95 -14.68 -6.46
CA MET B 160 -14.34 -15.24 -7.69
C MET B 160 -15.01 -16.54 -8.10
N PHE B 161 -15.27 -17.42 -7.13
CA PHE B 161 -15.92 -18.69 -7.39
C PHE B 161 -17.30 -18.48 -7.98
N LEU B 162 -18.09 -17.60 -7.35
CA LEU B 162 -19.45 -17.33 -7.85
C LEU B 162 -19.46 -16.66 -9.21
N GLY B 163 -18.51 -15.74 -9.43
CA GLY B 163 -18.38 -15.04 -10.69
C GLY B 163 -17.97 -15.96 -11.83
N GLU B 164 -17.24 -17.03 -11.49
CA GLU B 164 -16.84 -18.02 -12.45
C GLU B 164 -17.99 -18.97 -12.82
N LEU B 165 -18.81 -19.33 -11.85
CA LEU B 165 -19.96 -20.20 -12.12
C LEU B 165 -20.86 -19.55 -13.14
N SER B 166 -20.94 -18.21 -13.08
CA SER B 166 -21.78 -17.44 -14.00
C SER B 166 -21.34 -17.58 -15.47
N LEU B 167 -20.09 -17.93 -15.72
CA LEU B 167 -19.57 -18.09 -17.08
C LEU B 167 -20.20 -19.29 -17.80
N ILE B 168 -20.53 -20.33 -17.04
CA ILE B 168 -21.02 -21.58 -17.52
C ILE B 168 -22.42 -21.48 -18.12
N ASP B 169 -23.32 -20.74 -17.47
CA ASP B 169 -24.75 -20.75 -17.81
C ASP B 169 -25.24 -19.48 -18.54
N ALA B 170 -25.34 -19.58 -19.86
CA ALA B 170 -25.63 -18.42 -20.71
C ALA B 170 -27.04 -17.92 -20.45
N ASP B 171 -27.92 -18.88 -20.17
CA ASP B 171 -29.21 -18.59 -19.61
C ASP B 171 -29.16 -19.03 -18.14
N PRO B 172 -29.25 -18.10 -17.18
CA PRO B 172 -29.61 -16.69 -17.42
C PRO B 172 -28.53 -15.59 -17.57
N TYR B 173 -27.24 -15.84 -17.33
CA TYR B 173 -26.30 -14.73 -17.05
C TYR B 173 -25.98 -13.79 -18.17
N LEU B 174 -26.32 -14.15 -19.39
CA LEU B 174 -26.14 -13.26 -20.52
C LEU B 174 -26.97 -11.99 -20.41
N LYS B 175 -28.06 -12.03 -19.63
CA LYS B 175 -28.90 -10.86 -19.34
C LYS B 175 -28.21 -9.78 -18.49
N TYR B 176 -27.23 -10.17 -17.69
CA TYR B 176 -26.66 -9.23 -16.74
C TYR B 176 -25.32 -8.70 -17.22
N LEU B 177 -25.08 -7.40 -16.99
CA LEU B 177 -23.77 -6.79 -17.21
C LEU B 177 -22.73 -7.34 -16.20
N PRO B 178 -21.46 -7.40 -16.60
CA PRO B 178 -20.37 -7.81 -15.68
C PRO B 178 -20.31 -7.05 -14.33
N SER B 179 -20.49 -5.73 -14.37
CA SER B 179 -20.52 -4.98 -13.12
C SER B 179 -21.65 -5.44 -12.18
N VAL B 180 -22.77 -5.86 -12.76
CA VAL B 180 -23.94 -6.34 -11.99
C VAL B 180 -23.65 -7.72 -11.38
N ILE B 181 -23.14 -8.64 -12.19
CA ILE B 181 -22.80 -9.99 -11.70
C ILE B 181 -21.78 -9.91 -10.60
N ALA B 182 -20.78 -9.04 -10.75
CA ALA B 182 -19.72 -8.89 -9.77
C ALA B 182 -20.28 -8.45 -8.43
N GLY B 183 -21.25 -7.53 -8.50
CA GLY B 183 -21.93 -6.99 -7.33
C GLY B 183 -22.68 -8.09 -6.63
N ALA B 184 -23.45 -8.83 -7.41
CA ALA B 184 -24.21 -9.96 -6.89
C ALA B 184 -23.26 -10.94 -6.26
N ALA B 185 -22.14 -11.17 -6.91
CA ALA B 185 -21.20 -12.16 -6.40
C ALA B 185 -20.49 -11.65 -5.15
N PHE B 186 -20.16 -10.36 -5.13
CA PHE B 186 -19.51 -9.76 -3.96
C PHE B 186 -20.43 -9.81 -2.72
N HIS B 187 -21.68 -9.41 -2.90
CA HIS B 187 -22.66 -9.48 -1.84
C HIS B 187 -22.89 -10.92 -1.35
N LEU B 188 -23.05 -11.85 -2.27
CA LEU B 188 -23.36 -13.23 -1.88
C LEU B 188 -22.22 -13.87 -1.09
N ALA B 189 -20.97 -13.57 -1.47
CA ALA B 189 -19.81 -14.06 -0.76
C ALA B 189 -19.67 -13.41 0.61
N LEU B 190 -19.86 -12.09 0.65
CA LEU B 190 -19.86 -11.34 1.89
C LEU B 190 -20.85 -11.93 2.87
N TYR B 191 -22.12 -11.94 2.49
CA TYR B 191 -23.17 -12.52 3.31
C TYR B 191 -22.84 -13.92 3.81
N THR B 192 -22.43 -14.81 2.91
CA THR B 192 -22.14 -16.21 3.23
C THR B 192 -21.07 -16.42 4.31
N VAL B 193 -20.00 -15.62 4.25
CA VAL B 193 -18.84 -15.86 5.09
C VAL B 193 -18.93 -15.12 6.43
N THR B 194 -19.30 -13.84 6.39
CA THR B 194 -19.27 -12.94 7.55
C THR B 194 -20.63 -12.43 8.00
N GLY B 195 -21.65 -12.62 7.17
CA GLY B 195 -22.99 -12.12 7.47
C GLY B 195 -23.23 -10.69 7.03
N GLN B 196 -22.16 -9.97 6.67
CA GLN B 196 -22.27 -8.55 6.27
C GLN B 196 -22.94 -8.41 4.90
N SER B 197 -23.31 -7.18 4.54
CA SER B 197 -23.98 -6.91 3.27
C SER B 197 -23.25 -5.89 2.36
N TRP B 198 -23.50 -5.99 1.05
CA TRP B 198 -23.14 -4.97 0.07
C TRP B 198 -23.00 -3.62 0.75
N PRO B 199 -21.77 -3.13 0.92
CA PRO B 199 -21.52 -1.96 1.78
C PRO B 199 -21.93 -0.63 1.14
N GLU B 200 -22.06 0.41 1.98
CA GLU B 200 -22.50 1.72 1.51
C GLU B 200 -21.54 2.35 0.49
N SER B 201 -20.24 2.15 0.69
CA SER B 201 -19.22 2.70 -0.22
C SER B 201 -19.36 2.18 -1.68
N LEU B 202 -19.78 0.93 -1.85
CA LEU B 202 -20.02 0.39 -3.16
C LEU B 202 -21.30 0.93 -3.77
N ILE B 203 -22.34 1.09 -2.94
CA ILE B 203 -23.57 1.76 -3.42
C ILE B 203 -23.25 3.15 -3.97
N ARG B 204 -22.32 3.84 -3.30
CA ARG B 204 -21.91 5.17 -3.71
C ARG B 204 -21.16 5.12 -5.02
N LYS B 205 -20.22 4.17 -5.11
CA LYS B 205 -19.34 4.01 -6.26
C LYS B 205 -20.08 3.53 -7.51
N THR B 206 -20.90 2.49 -7.37
CA THR B 206 -21.48 1.84 -8.53
C THR B 206 -22.83 2.41 -8.88
N GLY B 207 -23.43 3.09 -7.90
CA GLY B 207 -24.84 3.46 -8.01
C GLY B 207 -25.79 2.28 -7.87
N TYR B 208 -25.27 1.11 -7.48
CA TYR B 208 -26.07 -0.09 -7.35
C TYR B 208 -26.56 -0.32 -5.90
N THR B 209 -27.88 -0.46 -5.74
CA THR B 209 -28.46 -0.83 -4.44
C THR B 209 -28.65 -2.34 -4.42
N LEU B 210 -28.96 -2.86 -3.25
CA LEU B 210 -29.39 -4.25 -3.13
C LEU B 210 -30.65 -4.48 -3.97
N GLU B 211 -31.50 -3.47 -4.13
CA GLU B 211 -32.68 -3.64 -4.97
C GLU B 211 -32.35 -3.87 -6.47
N SER B 212 -31.45 -3.06 -7.03
CA SER B 212 -30.98 -3.28 -8.41
C SER B 212 -30.21 -4.60 -8.64
N LEU B 213 -29.50 -5.08 -7.62
CA LEU B 213 -28.83 -6.38 -7.68
C LEU B 213 -29.70 -7.61 -7.42
N LYS B 214 -30.93 -7.39 -6.93
CA LYS B 214 -31.88 -8.47 -6.59
C LYS B 214 -32.07 -9.56 -7.67
N PRO B 215 -32.52 -9.21 -8.87
CA PRO B 215 -32.79 -10.24 -9.88
C PRO B 215 -31.58 -11.13 -10.13
N CYS B 216 -30.41 -10.53 -10.25
CA CYS B 216 -29.18 -11.27 -10.45
C CYS B 216 -28.77 -12.06 -9.21
N LEU B 217 -28.89 -11.44 -8.04
CA LEU B 217 -28.79 -12.14 -6.75
C LEU B 217 -29.66 -13.39 -6.65
N MET B 218 -30.93 -13.27 -7.01
CA MET B 218 -31.84 -14.42 -6.97
C MET B 218 -31.39 -15.59 -7.82
N ASP B 219 -30.83 -15.28 -8.99
CA ASP B 219 -30.32 -16.30 -9.92
C ASP B 219 -29.05 -16.94 -9.37
N LEU B 220 -28.12 -16.11 -8.92
CA LEU B 220 -26.82 -16.55 -8.44
C LEU B 220 -26.94 -17.43 -7.19
N HIS B 221 -27.94 -17.14 -6.36
CA HIS B 221 -28.25 -17.94 -5.19
C HIS B 221 -28.71 -19.33 -5.59
N GLN B 222 -29.61 -19.40 -6.58
CA GLN B 222 -30.02 -20.67 -7.15
C GLN B 222 -28.82 -21.40 -7.71
N THR B 223 -28.04 -20.72 -8.56
CA THR B 223 -26.85 -21.33 -9.13
C THR B 223 -25.96 -21.90 -8.04
N TYR B 224 -25.69 -21.09 -7.00
CA TYR B 224 -24.87 -21.49 -5.87
C TYR B 224 -25.49 -22.70 -5.16
N LEU B 225 -26.79 -22.66 -4.90
CA LEU B 225 -27.46 -23.77 -4.21
C LEU B 225 -27.38 -25.08 -4.97
N LYS B 226 -27.46 -25.02 -6.30
CA LYS B 226 -27.48 -26.21 -7.14
C LYS B 226 -26.10 -26.62 -7.70
N ALA B 227 -25.06 -25.85 -7.37
CA ALA B 227 -23.73 -26.09 -7.93
C ALA B 227 -23.22 -27.52 -7.82
N PRO B 228 -23.49 -28.21 -6.70
CA PRO B 228 -23.00 -29.58 -6.57
C PRO B 228 -23.74 -30.58 -7.46
N GLN B 229 -24.92 -30.24 -7.99
CA GLN B 229 -25.64 -31.16 -8.87
C GLN B 229 -25.50 -30.85 -10.37
N HIS B 230 -24.90 -29.70 -10.70
CA HIS B 230 -24.67 -29.26 -12.10
C HIS B 230 -23.88 -30.30 -12.92
N ALA B 231 -24.19 -30.40 -14.21
CA ALA B 231 -23.49 -31.33 -15.11
C ALA B 231 -21.99 -31.02 -15.21
N GLN B 232 -21.64 -29.74 -15.14
CA GLN B 232 -20.26 -29.27 -15.25
C GLN B 232 -19.67 -28.98 -13.88
N GLN B 233 -18.50 -29.53 -13.59
CA GLN B 233 -17.98 -29.51 -12.21
C GLN B 233 -16.55 -28.95 -12.04
N SER B 234 -15.89 -28.60 -13.14
CA SER B 234 -14.49 -28.13 -13.11
C SER B 234 -14.23 -26.94 -12.19
N ILE B 235 -15.20 -26.06 -12.09
CA ILE B 235 -15.03 -24.88 -11.26
C ILE B 235 -15.10 -25.26 -9.78
N ARG B 236 -16.10 -26.05 -9.42
CA ARG B 236 -16.18 -26.60 -8.07
C ARG B 236 -14.91 -27.36 -7.66
N GLU B 237 -14.35 -28.14 -8.58
CA GLU B 237 -13.11 -28.82 -8.30
C GLU B 237 -11.98 -27.79 -8.20
N LYS B 238 -11.89 -26.86 -9.13
CA LYS B 238 -10.91 -25.79 -9.02
C LYS B 238 -10.87 -25.13 -7.62
N TYR B 239 -12.03 -24.67 -7.14
CA TYR B 239 -12.12 -23.91 -5.89
C TYR B 239 -12.20 -24.78 -4.62
N LYS B 240 -11.84 -26.06 -4.77
CA LYS B 240 -11.74 -27.02 -3.68
C LYS B 240 -10.34 -26.96 -3.05
N ASN B 241 -9.35 -26.54 -3.84
CA ASN B 241 -7.95 -26.50 -3.42
C ASN B 241 -7.69 -25.44 -2.38
N SER B 242 -6.55 -25.55 -1.71
CA SER B 242 -6.11 -24.60 -0.69
C SER B 242 -5.74 -23.21 -1.23
N LYS B 243 -5.33 -23.15 -2.48
CA LYS B 243 -4.98 -21.88 -3.10
C LYS B 243 -6.21 -20.98 -3.14
N TYR B 244 -7.40 -21.59 -3.21
CA TYR B 244 -8.66 -20.86 -3.14
C TYR B 244 -9.39 -21.03 -1.81
N HIS B 245 -8.67 -21.56 -0.82
CA HIS B 245 -9.14 -21.73 0.56
C HIS B 245 -10.35 -22.67 0.70
N GLY B 246 -10.53 -23.55 -0.29
CA GLY B 246 -11.59 -24.54 -0.27
C GLY B 246 -12.98 -23.95 -0.19
N VAL B 247 -13.15 -22.74 -0.73
CA VAL B 247 -14.42 -22.01 -0.60
C VAL B 247 -15.64 -22.68 -1.24
N SER B 248 -15.42 -23.57 -2.20
CA SER B 248 -16.54 -24.27 -2.85
C SER B 248 -17.12 -25.36 -1.94
N LEU B 249 -16.41 -25.67 -0.87
CA LEU B 249 -16.88 -26.65 0.14
C LEU B 249 -17.81 -26.05 1.18
N LEU B 250 -17.81 -24.72 1.30
CA LEU B 250 -18.66 -23.99 2.21
C LEU B 250 -20.16 -24.15 1.86
N ASN B 251 -21.03 -24.09 2.87
CA ASN B 251 -22.47 -24.15 2.61
C ASN B 251 -23.08 -22.80 2.23
N PRO B 252 -23.84 -22.80 1.14
CA PRO B 252 -24.66 -21.63 0.77
C PRO B 252 -25.74 -21.38 1.82
N PRO B 253 -25.99 -20.13 2.17
CA PRO B 253 -27.04 -19.83 3.17
C PRO B 253 -28.38 -20.19 2.55
N GLU B 254 -29.34 -20.63 3.37
CA GLU B 254 -30.61 -21.15 2.84
C GLU B 254 -31.54 -20.05 2.29
N THR B 255 -31.59 -18.93 2.99
CA THR B 255 -32.32 -17.74 2.55
C THR B 255 -31.38 -16.51 2.52
N LEU B 256 -31.77 -15.50 1.75
CA LEU B 256 -31.00 -14.25 1.66
C LEU B 256 -31.73 -13.07 2.28
N ASN B 257 -33.02 -13.26 2.58
CA ASN B 257 -33.84 -12.23 3.21
C ASN B 257 -33.75 -10.89 2.49
N LEU B 258 -34.14 -10.89 1.22
CA LEU B 258 -33.96 -9.69 0.41
C LEU B 258 -35.25 -8.99 0.01
N MET C 1 12.17 13.44 48.09
CA MET C 1 11.33 14.58 47.62
C MET C 1 11.58 15.93 48.33
N GLU C 2 12.08 15.86 49.56
CA GLU C 2 12.55 17.05 50.30
C GLU C 2 13.95 17.51 49.80
N ASN C 3 14.34 16.99 48.63
CA ASN C 3 15.54 17.43 47.91
C ASN C 3 15.28 18.45 46.79
N PHE C 4 14.02 18.64 46.42
CA PHE C 4 13.63 19.71 45.52
C PHE C 4 12.92 20.81 46.27
N GLN C 5 13.30 22.07 46.06
CA GLN C 5 12.36 23.12 46.40
C GLN C 5 11.64 23.64 45.18
N LYS C 6 10.31 23.57 45.26
CA LYS C 6 9.41 24.16 44.27
C LYS C 6 9.65 25.67 44.11
N VAL C 7 9.92 26.09 42.88
CA VAL C 7 10.19 27.50 42.60
C VAL C 7 8.94 28.18 42.11
N GLU C 8 8.15 27.48 41.30
CA GLU C 8 6.85 27.99 40.81
C GLU C 8 6.07 26.98 40.00
N LYS C 9 4.79 27.29 39.78
CA LYS C 9 3.90 26.57 38.87
C LYS C 9 4.26 26.94 37.42
N ILE C 10 4.58 25.95 36.59
CA ILE C 10 4.80 26.23 35.16
C ILE C 10 3.81 25.45 34.30
N GLY C 11 2.53 25.47 34.70
CA GLY C 11 1.46 24.88 33.89
C GLY C 11 0.67 23.72 34.48
N GLU C 12 0.05 22.95 33.56
CA GLU C 12 -0.76 21.73 33.81
C GLU C 12 -0.62 20.79 32.60
N GLY C 13 -0.40 19.49 32.83
CA GLY C 13 -0.08 18.56 31.74
C GLY C 13 -1.13 18.20 30.68
N THR C 14 -1.38 16.88 30.54
CA THR C 14 -2.68 16.35 30.10
C THR C 14 -3.41 15.78 31.37
N TYR C 15 -2.67 15.79 32.51
CA TYR C 15 -3.11 15.20 33.80
C TYR C 15 -2.56 15.82 35.12
N GLY C 16 -2.47 17.16 35.18
CA GLY C 16 -2.10 17.82 36.43
C GLY C 16 -0.66 18.36 36.61
N VAL C 17 -0.57 19.44 37.41
CA VAL C 17 0.59 20.34 37.64
C VAL C 17 2.06 20.00 37.31
N VAL C 18 2.75 21.01 36.76
CA VAL C 18 4.21 21.00 36.60
C VAL C 18 4.83 22.22 37.29
N TYR C 19 5.94 21.99 38.00
CA TYR C 19 6.62 23.05 38.72
C TYR C 19 8.06 23.19 38.25
N LYS C 20 8.58 24.40 38.40
CA LYS C 20 10.00 24.59 38.33
C LYS C 20 10.46 24.24 39.74
N ALA C 21 11.60 23.54 39.84
CA ALA C 21 12.20 23.21 41.13
C ALA C 21 13.71 23.11 41.02
N ARG C 22 14.41 23.43 42.10
CA ARG C 22 15.84 23.12 42.13
C ARG C 22 16.20 22.02 43.10
N ASN C 23 17.24 21.27 42.75
CA ASN C 23 17.87 20.31 43.64
C ASN C 23 18.63 21.11 44.69
N LYS C 24 18.23 20.99 45.96
CA LYS C 24 18.87 21.72 47.06
C LYS C 24 20.33 21.30 47.26
N LEU C 25 20.69 20.14 46.70
CA LEU C 25 21.98 19.52 46.95
C LEU C 25 22.94 19.66 45.77
N THR C 26 22.45 19.46 44.54
CA THR C 26 23.29 19.61 43.37
C THR C 26 23.12 20.93 42.63
N GLY C 27 21.97 21.58 42.80
CA GLY C 27 21.73 22.84 42.11
C GLY C 27 20.96 22.64 40.81
N GLU C 28 20.86 21.40 40.35
CA GLU C 28 20.15 21.16 39.09
C GLU C 28 18.74 21.78 39.15
N VAL C 29 18.42 22.63 38.17
CA VAL C 29 17.05 23.10 38.00
C VAL C 29 16.30 22.10 37.13
N VAL C 30 15.11 21.69 37.61
CA VAL C 30 14.31 20.66 36.98
C VAL C 30 12.84 21.10 36.85
N ALA C 31 12.12 20.44 35.94
CA ALA C 31 10.67 20.55 35.89
C ALA C 31 10.14 19.30 36.56
N LEU C 32 9.17 19.52 37.43
CA LEU C 32 8.60 18.48 38.27
C LEU C 32 7.14 18.29 37.88
N LYS C 33 6.78 17.13 37.34
CA LYS C 33 5.39 16.87 36.97
C LYS C 33 4.72 15.97 38.00
N LYS C 34 3.66 16.50 38.62
CA LYS C 34 2.90 15.79 39.64
C LYS C 34 1.66 15.18 39.03
N ILE C 35 1.49 13.89 39.28
CA ILE C 35 0.27 13.21 38.94
C ILE C 35 -0.31 12.69 40.27
N ARG C 36 -1.60 12.95 40.49
CA ARG C 36 -2.31 12.37 41.65
C ARG C 36 -2.97 11.03 41.30
N LEU C 37 -3.00 10.12 42.27
CA LEU C 37 -3.42 8.74 42.06
C LEU C 37 -4.75 8.32 42.78
N ASP C 38 -5.25 9.18 43.68
CA ASP C 38 -6.40 8.85 44.55
C ASP C 38 -6.64 7.34 44.69
N THR C 39 -5.78 6.71 45.49
CA THR C 39 -5.75 5.26 45.71
C THR C 39 -6.68 4.31 44.88
N GLU C 40 -7.98 4.22 45.21
CA GLU C 40 -8.81 3.04 44.87
C GLU C 40 -9.73 3.12 43.62
N THR C 41 -9.17 3.35 42.43
CA THR C 41 -9.97 3.33 41.18
C THR C 41 -9.21 2.82 39.96
N GLU C 42 -8.01 3.37 39.74
CA GLU C 42 -7.34 3.15 38.47
C GLU C 42 -5.88 2.78 38.54
N GLY C 43 -5.21 3.17 39.61
CA GLY C 43 -3.77 2.99 39.67
C GLY C 43 -3.10 4.04 38.82
N VAL C 44 -1.94 3.70 38.28
CA VAL C 44 -1.23 4.63 37.41
C VAL C 44 -2.03 4.83 36.10
N PRO C 45 -2.41 6.07 35.79
CA PRO C 45 -3.20 6.32 34.56
C PRO C 45 -2.42 5.85 33.33
N SER C 46 -3.14 5.37 32.32
CA SER C 46 -2.50 4.78 31.12
C SER C 46 -1.58 5.78 30.47
N THR C 47 -1.99 7.03 30.62
CA THR C 47 -1.34 8.17 30.04
C THR C 47 0.09 8.41 30.58
N ALA C 48 0.37 7.99 31.82
CA ALA C 48 1.71 8.13 32.45
C ALA C 48 2.60 6.93 32.19
N ILE C 49 2.00 5.74 32.21
CA ILE C 49 2.62 4.52 31.73
C ILE C 49 3.25 4.78 30.36
N ARG C 50 2.47 5.24 29.39
CA ARG C 50 3.03 5.44 28.06
C ARG C 50 4.05 6.55 28.12
N GLU C 51 3.78 7.60 28.89
CA GLU C 51 4.71 8.71 28.87
C GLU C 51 6.06 8.23 29.37
N ILE C 52 6.06 7.59 30.54
CA ILE C 52 7.30 7.15 31.17
C ILE C 52 7.98 6.05 30.36
N SER C 53 7.24 5.04 29.92
CA SER C 53 7.86 3.92 29.19
C SER C 53 8.46 4.33 27.85
N LEU C 54 7.81 5.25 27.15
CA LEU C 54 8.33 5.72 25.87
C LEU C 54 9.48 6.72 26.03
N LEU C 55 9.34 7.67 26.95
CA LEU C 55 10.43 8.60 27.24
C LEU C 55 11.72 7.86 27.65
N LYS C 56 11.55 6.74 28.37
CA LYS C 56 12.67 5.90 28.81
C LYS C 56 13.53 5.46 27.64
N GLU C 57 12.93 5.23 26.48
CA GLU C 57 13.76 4.93 25.31
C GLU C 57 13.90 6.04 24.26
N LEU C 58 13.53 7.27 24.62
CA LEU C 58 13.59 8.37 23.68
C LEU C 58 14.63 9.41 24.07
N ASN C 59 15.84 8.98 24.28
CA ASN C 59 16.91 9.88 24.62
C ASN C 59 17.58 10.50 23.39
N HIS C 60 17.44 11.81 23.25
CA HIS C 60 17.83 12.57 22.07
C HIS C 60 17.87 14.08 22.44
N PRO C 61 18.79 14.85 21.85
CA PRO C 61 18.91 16.29 22.19
C PRO C 61 17.63 17.12 21.94
N ASN C 62 16.74 16.67 21.06
CA ASN C 62 15.48 17.39 20.83
C ASN C 62 14.20 16.75 21.42
N ILE C 63 14.39 15.92 22.44
CA ILE C 63 13.28 15.40 23.25
C ILE C 63 13.54 15.70 24.73
N VAL C 64 12.57 16.22 25.47
CA VAL C 64 12.82 16.51 26.89
C VAL C 64 13.39 15.31 27.55
N LYS C 65 14.45 15.52 28.32
CA LYS C 65 15.05 14.44 29.05
C LYS C 65 14.26 14.14 30.32
N LEU C 66 13.82 12.90 30.46
CA LEU C 66 13.28 12.43 31.72
C LEU C 66 14.44 11.99 32.62
N LEU C 67 14.54 12.64 33.77
CA LEU C 67 15.67 12.43 34.66
C LEU C 67 15.37 11.42 35.75
N ASP C 68 14.12 11.36 36.17
CA ASP C 68 13.73 10.54 37.31
C ASP C 68 12.23 10.31 37.41
N VAL C 69 11.86 9.26 38.14
CA VAL C 69 10.44 9.01 38.46
C VAL C 69 10.35 8.60 39.92
N ILE C 70 9.72 9.45 40.74
CA ILE C 70 9.53 9.12 42.16
C ILE C 70 8.07 8.71 42.38
N HIS C 71 7.91 7.45 42.78
CA HIS C 71 6.61 6.82 42.82
C HIS C 71 6.25 6.32 44.23
N THR C 72 5.96 7.24 45.14
CA THR C 72 5.46 6.87 46.47
C THR C 72 4.09 6.16 46.34
N GLU C 73 3.53 5.70 47.46
CA GLU C 73 2.29 4.92 47.41
C GLU C 73 1.09 5.77 46.92
N ASN C 74 1.15 7.08 47.17
CA ASN C 74 0.05 8.02 46.89
C ASN C 74 0.29 9.04 45.75
N LYS C 75 1.55 9.21 45.33
CA LYS C 75 1.87 10.23 44.31
C LYS C 75 2.86 9.69 43.27
N LEU C 76 2.87 10.29 42.08
CA LEU C 76 3.87 10.05 41.05
C LEU C 76 4.52 11.36 40.60
N TYR C 77 5.84 11.38 40.57
CA TYR C 77 6.59 12.58 40.14
C TYR C 77 7.53 12.28 39.00
N LEU C 78 7.33 12.87 37.85
CA LEU C 78 8.36 12.77 36.82
C LEU C 78 9.25 14.00 36.96
N VAL C 79 10.55 13.77 36.87
CA VAL C 79 11.51 14.85 36.93
C VAL C 79 12.14 14.99 35.55
N PHE C 80 12.16 16.22 35.02
CA PHE C 80 12.67 16.50 33.66
C PHE C 80 13.72 17.56 33.71
N GLU C 81 14.65 17.56 32.74
CA GLU C 81 15.53 18.74 32.54
C GLU C 81 14.65 19.95 32.31
N PHE C 82 14.99 21.06 32.93
CA PHE C 82 14.15 22.24 32.85
C PHE C 82 14.34 23.00 31.52
N LEU C 83 13.23 23.45 30.92
CA LEU C 83 13.23 24.44 29.83
C LEU C 83 12.26 25.59 30.22
N HIS C 84 12.58 26.81 29.78
CA HIS C 84 12.02 28.02 30.39
C HIS C 84 10.84 28.67 29.68
N GLN C 85 10.61 28.30 28.42
CA GLN C 85 9.31 28.57 27.80
C GLN C 85 8.95 27.64 26.69
N ASP C 86 7.68 27.74 26.31
CA ASP C 86 7.18 27.02 25.16
C ASP C 86 7.02 27.91 23.92
N LEU C 87 7.02 27.25 22.77
CA LEU C 87 6.86 27.93 21.49
C LEU C 87 5.63 28.87 21.40
N LYS C 88 4.54 28.53 22.08
CA LYS C 88 3.34 29.34 22.00
C LYS C 88 3.58 30.74 22.57
N LYS C 89 4.23 30.80 23.73
CA LYS C 89 4.62 32.06 24.35
C LYS C 89 5.62 32.84 23.49
N PHE C 90 6.58 32.14 22.90
CA PHE C 90 7.57 32.80 22.07
C PHE C 90 6.87 33.45 20.89
N MET C 91 6.04 32.66 20.21
CA MET C 91 5.27 33.13 19.06
C MET C 91 4.26 34.18 19.44
N ASP C 92 3.73 34.10 20.65
CA ASP C 92 2.84 35.15 21.14
C ASP C 92 3.60 36.46 21.23
N ALA C 93 4.67 36.47 21.99
CA ALA C 93 5.51 37.66 22.14
C ALA C 93 6.07 38.16 20.79
N SER C 94 6.05 37.31 19.79
CA SER C 94 6.51 37.71 18.46
C SER C 94 5.39 38.06 17.49
N ALA C 95 4.16 38.15 18.02
CA ALA C 95 3.00 38.43 17.17
C ALA C 95 3.21 39.60 16.19
N LEU C 96 3.67 40.75 16.66
CA LEU C 96 3.92 41.88 15.77
C LEU C 96 5.25 41.77 15.03
N THR C 97 6.28 41.47 15.80
CA THR C 97 7.67 41.71 15.48
C THR C 97 8.38 40.63 14.61
N GLY C 98 7.81 39.42 14.58
CA GLY C 98 8.32 38.36 13.74
C GLY C 98 9.47 37.56 14.36
N ILE C 99 9.73 36.38 13.77
CA ILE C 99 10.83 35.51 14.16
C ILE C 99 11.82 35.43 13.00
N PRO C 100 13.07 35.78 13.26
CA PRO C 100 14.13 35.75 12.24
C PRO C 100 14.11 34.44 11.47
N LEU C 101 14.23 34.47 10.14
CA LEU C 101 14.17 33.24 9.34
C LEU C 101 15.15 32.13 9.72
N PRO C 102 16.42 32.45 9.97
CA PRO C 102 17.39 31.42 10.38
C PRO C 102 16.96 30.71 11.66
N LEU C 103 16.37 31.43 12.61
CA LEU C 103 15.85 30.79 13.81
C LEU C 103 14.59 29.88 13.56
N ILE C 104 13.63 30.36 12.75
CA ILE C 104 12.52 29.50 12.26
C ILE C 104 13.05 28.21 11.64
N LYS C 105 14.01 28.36 10.74
CA LYS C 105 14.76 27.27 10.14
C LYS C 105 15.37 26.33 11.20
N SER C 106 16.10 26.90 12.15
CA SER C 106 16.80 26.09 13.13
C SER C 106 15.80 25.29 13.93
N TYR C 107 14.79 25.99 14.42
CA TYR C 107 13.74 25.38 15.23
C TYR C 107 13.09 24.22 14.46
N LEU C 108 12.78 24.43 13.18
CA LEU C 108 12.11 23.40 12.40
C LEU C 108 13.03 22.19 12.16
N PHE C 109 14.28 22.47 11.83
CA PHE C 109 15.30 21.44 11.67
C PHE C 109 15.44 20.58 12.95
N GLN C 110 15.36 21.18 14.13
CA GLN C 110 15.59 20.38 15.34
C GLN C 110 14.34 19.59 15.71
N LEU C 111 13.17 20.20 15.49
CA LEU C 111 11.89 19.50 15.61
C LEU C 111 11.93 18.26 14.74
N LEU C 112 12.28 18.43 13.46
CA LEU C 112 12.33 17.32 12.50
C LEU C 112 13.30 16.23 12.97
N GLN C 113 14.43 16.63 13.54
CA GLN C 113 15.38 15.67 14.13
C GLN C 113 14.76 14.89 15.25
N GLY C 114 14.18 15.59 16.23
CA GLY C 114 13.53 14.92 17.34
C GLY C 114 12.41 14.00 16.90
N LEU C 115 11.72 14.36 15.82
CA LEU C 115 10.58 13.58 15.34
C LEU C 115 11.04 12.33 14.60
N ALA C 116 12.12 12.47 13.82
CA ALA C 116 12.76 11.37 13.12
C ALA C 116 13.21 10.28 14.10
N PHE C 117 13.87 10.66 15.19
CA PHE C 117 14.23 9.74 16.23
C PHE C 117 13.01 9.06 16.84
N CYS C 118 11.99 9.83 17.24
CA CYS C 118 10.69 9.23 17.68
C CYS C 118 10.22 8.17 16.69
N HIS C 119 9.99 8.61 15.45
CA HIS C 119 9.38 7.79 14.43
C HIS C 119 10.24 6.55 14.15
N SER C 120 11.55 6.72 14.14
CA SER C 120 12.43 5.59 13.88
C SER C 120 12.53 4.67 15.08
N HIS C 121 11.93 5.09 16.20
CA HIS C 121 11.86 4.23 17.38
C HIS C 121 10.42 3.82 17.67
N ARG C 122 9.66 3.73 16.58
CA ARG C 122 8.25 3.33 16.56
C ARG C 122 7.34 4.03 17.58
N VAL C 123 7.55 5.34 17.77
CA VAL C 123 6.69 6.13 18.65
C VAL C 123 6.00 7.24 17.89
N LEU C 124 4.68 7.33 18.02
CA LEU C 124 3.95 8.45 17.44
C LEU C 124 3.66 9.42 18.57
N HIS C 125 3.83 10.71 18.31
CA HIS C 125 3.63 11.68 19.38
C HIS C 125 2.15 12.00 19.52
N ARG C 126 1.48 12.21 18.40
CA ARG C 126 0.04 12.42 18.32
C ARG C 126 -0.51 13.71 18.95
N ASP C 127 0.37 14.65 19.31
CA ASP C 127 -0.05 15.91 19.92
C ASP C 127 0.93 17.08 19.78
N LEU C 128 1.58 17.19 18.63
CA LEU C 128 2.50 18.28 18.40
C LEU C 128 1.72 19.58 18.26
N LYS C 129 2.20 20.61 18.94
CA LYS C 129 1.50 21.89 19.04
C LYS C 129 2.35 22.85 19.86
N PRO C 130 2.28 24.14 19.55
CA PRO C 130 3.25 25.10 20.10
C PRO C 130 3.51 24.91 21.63
N GLN C 131 2.45 24.63 22.38
CA GLN C 131 2.51 24.51 23.86
C GLN C 131 3.31 23.32 24.34
N ASN C 132 3.48 22.33 23.47
CA ASN C 132 4.18 21.12 23.81
C ASN C 132 5.59 21.09 23.24
N LEU C 133 6.07 22.26 22.85
CA LEU C 133 7.38 22.40 22.22
C LEU C 133 8.17 23.42 23.01
N LEU C 134 9.17 22.93 23.71
CA LEU C 134 9.84 23.76 24.72
C LEU C 134 11.21 24.25 24.30
N ILE C 135 11.50 25.52 24.61
CA ILE C 135 12.75 26.16 24.16
C ILE C 135 13.62 26.60 25.34
N ASN C 136 14.92 26.70 25.12
CA ASN C 136 15.83 27.17 26.14
C ASN C 136 16.50 28.44 25.68
N THR C 137 17.56 28.83 26.35
CA THR C 137 18.34 30.00 25.94
C THR C 137 19.44 29.68 24.92
N GLU C 138 19.89 28.43 24.84
CA GLU C 138 20.96 28.09 23.89
C GLU C 138 20.50 28.24 22.45
N GLY C 139 19.19 28.16 22.23
CA GLY C 139 18.64 28.10 20.88
C GLY C 139 18.15 26.72 20.53
N ALA C 140 17.90 25.90 21.55
CA ALA C 140 17.45 24.54 21.33
C ALA C 140 15.93 24.53 21.33
N ILE C 141 15.36 23.44 20.81
CA ILE C 141 13.94 23.20 20.92
C ILE C 141 13.71 21.71 21.13
N LYS C 142 12.77 21.39 22.01
CA LYS C 142 12.55 20.01 22.42
C LYS C 142 11.07 19.61 22.44
N LEU C 143 10.77 18.44 21.88
CA LEU C 143 9.43 17.88 21.99
C LEU C 143 9.14 17.46 23.42
N ALA C 144 7.98 17.83 23.93
CA ALA C 144 7.58 17.35 25.24
C ALA C 144 6.16 16.81 25.21
N ASP C 145 5.67 16.42 26.39
CA ASP C 145 4.36 15.83 26.59
C ASP C 145 4.11 14.57 25.77
N PHE C 146 4.62 13.43 26.24
CA PHE C 146 4.41 12.18 25.51
C PHE C 146 3.22 11.37 26.03
N GLY C 147 2.25 12.07 26.61
CA GLY C 147 1.11 11.46 27.28
C GLY C 147 0.06 11.03 26.29
N LEU C 148 0.10 11.59 25.09
CA LEU C 148 -0.82 11.18 24.04
C LEU C 148 -0.12 10.30 23.03
N ALA C 149 1.10 9.92 23.36
CA ALA C 149 1.94 9.17 22.45
C ALA C 149 1.60 7.68 22.52
N ARG C 150 2.02 6.95 21.49
CA ARG C 150 1.85 5.51 21.45
C ARG C 150 2.91 4.82 20.60
N ALA C 151 3.28 3.62 21.06
CA ALA C 151 4.15 2.77 20.28
C ALA C 151 3.31 2.15 19.17
N PHE C 152 3.78 2.20 17.93
CA PHE C 152 3.01 1.64 16.82
C PHE C 152 3.63 0.40 16.20
N GLY C 153 2.82 -0.37 15.50
CA GLY C 153 3.28 -1.55 14.78
C GLY C 153 3.73 -1.30 13.35
N VAL C 154 4.42 -2.28 12.82
CA VAL C 154 4.71 -2.37 11.40
C VAL C 154 4.00 -3.61 10.88
N PRO C 155 2.89 -3.45 10.15
CA PRO C 155 2.28 -2.16 9.85
C PRO C 155 1.35 -1.79 10.99
N VAL C 156 0.76 -0.59 10.90
CA VAL C 156 -0.12 -0.09 11.96
C VAL C 156 -1.43 -0.85 12.00
N ARG C 157 -2.01 -0.94 13.21
CA ARG C 157 -3.42 -1.33 13.45
C ARG C 157 -4.26 -0.06 13.62
N THR C 158 -5.54 -0.25 13.96
CA THR C 158 -6.42 0.86 14.29
C THR C 158 -6.11 1.34 15.69
N TYR C 159 -5.88 2.64 15.81
CA TYR C 159 -5.62 3.29 17.11
C TYR C 159 -6.74 4.26 17.45
N TPO C 160 -6.66 4.83 18.65
CA TPO C 160 -7.74 5.67 19.17
CB TPO C 160 -7.34 6.45 20.54
CG2 TPO C 160 -8.17 6.17 21.76
OG1 TPO C 160 -6.14 6.08 20.86
P TPO C 160 -5.11 5.32 21.82
O1P TPO C 160 -5.83 4.23 22.68
O2P TPO C 160 -3.99 4.62 20.93
O3P TPO C 160 -4.43 6.38 22.77
C TPO C 160 -7.94 6.83 18.20
O TPO C 160 -6.98 7.43 17.73
N HIS C 161 -9.21 7.11 17.89
CA HIS C 161 -9.58 8.15 16.93
C HIS C 161 -9.50 9.56 17.50
N GLU C 162 -9.91 9.69 18.76
CA GLU C 162 -10.08 10.98 19.43
C GLU C 162 -8.69 11.54 19.84
N VAL C 163 -8.01 12.16 18.86
CA VAL C 163 -6.55 12.40 18.90
C VAL C 163 -6.06 13.64 18.10
N VAL C 164 -5.00 14.28 18.61
CA VAL C 164 -4.43 15.53 18.08
C VAL C 164 -5.38 16.69 18.26
N THR C 165 -4.90 17.72 18.94
CA THR C 165 -5.61 19.00 19.12
C THR C 165 -6.11 19.52 17.78
N LEU C 166 -7.41 19.85 17.74
CA LEU C 166 -8.13 20.30 16.53
C LEU C 166 -7.30 21.06 15.47
N TRP C 167 -6.58 22.09 15.88
CA TRP C 167 -5.99 22.97 14.89
C TRP C 167 -4.87 22.29 14.13
N TYR C 168 -4.38 21.18 14.70
CA TYR C 168 -3.18 20.53 14.19
C TYR C 168 -3.47 19.13 13.66
N ARG C 169 -4.75 18.81 13.60
CA ARG C 169 -5.19 17.48 13.22
C ARG C 169 -5.21 17.27 11.71
N ALA C 170 -4.58 16.17 11.28
CA ALA C 170 -4.43 15.77 9.88
C ALA C 170 -5.78 15.42 9.22
N PRO C 171 -5.91 15.64 7.91
CA PRO C 171 -7.19 15.42 7.23
C PRO C 171 -7.63 13.97 7.31
N GLU C 172 -6.71 13.01 7.26
CA GLU C 172 -7.12 11.61 7.32
C GLU C 172 -7.84 11.34 8.66
N ILE C 173 -7.38 11.96 9.74
CA ILE C 173 -8.08 11.78 11.00
C ILE C 173 -9.50 12.42 10.97
N LEU C 174 -9.59 13.61 10.40
CA LEU C 174 -10.85 14.36 10.34
C LEU C 174 -11.86 13.67 9.44
N LEU C 175 -11.35 12.97 8.43
CA LEU C 175 -12.20 12.29 7.44
C LEU C 175 -12.53 10.89 7.87
N GLY C 176 -11.91 10.45 8.97
CA GLY C 176 -12.25 9.20 9.59
C GLY C 176 -11.63 7.97 9.00
N CYS C 177 -10.37 8.04 8.60
CA CYS C 177 -9.70 6.88 8.02
C CYS C 177 -9.41 5.85 9.12
N LYS C 178 -9.42 4.57 8.73
CA LYS C 178 -9.24 3.48 9.68
C LYS C 178 -7.82 3.48 10.24
N TYR C 179 -6.85 3.70 9.36
CA TYR C 179 -5.42 3.67 9.67
C TYR C 179 -4.79 5.05 9.54
N TYR C 180 -4.01 5.43 10.55
CA TYR C 180 -3.16 6.61 10.48
C TYR C 180 -1.80 6.27 11.07
N SER C 181 -0.79 7.02 10.69
CA SER C 181 0.56 6.71 11.14
C SER C 181 1.39 7.96 11.33
N THR C 182 2.66 7.84 10.94
CA THR C 182 3.70 8.86 11.14
C THR C 182 3.38 10.15 10.41
N ALA C 183 2.66 10.04 9.29
CA ALA C 183 2.15 11.21 8.58
C ALA C 183 1.33 12.21 9.45
N VAL C 184 0.60 11.73 10.46
CA VAL C 184 -0.17 12.70 11.28
C VAL C 184 0.70 13.74 12.05
N ASP C 185 1.86 13.33 12.52
CA ASP C 185 2.80 14.23 13.20
C ASP C 185 3.41 15.24 12.20
N ILE C 186 3.61 14.81 10.95
CA ILE C 186 4.16 15.71 9.94
C ILE C 186 3.17 16.81 9.62
N TRP C 187 1.88 16.45 9.50
CA TRP C 187 0.82 17.45 9.30
C TRP C 187 0.93 18.54 10.37
N SER C 188 1.04 18.11 11.64
CA SER C 188 1.19 19.03 12.78
C SER C 188 2.44 19.90 12.65
N LEU C 189 3.60 19.30 12.40
CA LEU C 189 4.81 20.09 12.16
C LEU C 189 4.62 21.14 11.06
N GLY C 190 3.97 20.76 9.96
CA GLY C 190 3.66 21.66 8.85
C GLY C 190 2.88 22.89 9.29
N CYS C 191 1.80 22.65 10.04
CA CYS C 191 1.01 23.72 10.61
C CYS C 191 1.82 24.68 11.48
N ILE C 192 2.73 24.10 12.28
CA ILE C 192 3.56 24.85 13.21
C ILE C 192 4.60 25.69 12.47
N PHE C 193 5.11 25.12 11.37
CA PHE C 193 6.06 25.79 10.49
C PHE C 193 5.34 27.01 9.98
N ALA C 194 4.15 26.81 9.41
CA ALA C 194 3.34 27.91 8.88
C ALA C 194 3.08 28.97 9.96
N GLU C 195 2.65 28.52 11.14
CA GLU C 195 2.45 29.39 12.30
C GLU C 195 3.70 30.18 12.73
N MET C 196 4.89 29.56 12.65
CA MET C 196 6.11 30.29 12.99
C MET C 196 6.34 31.46 12.04
N VAL C 197 6.01 31.27 10.76
CA VAL C 197 6.24 32.28 9.73
C VAL C 197 5.26 33.44 9.82
N THR C 198 4.05 33.16 10.29
CA THR C 198 3.00 34.19 10.33
C THR C 198 2.59 34.62 11.75
N ARG C 199 2.95 33.86 12.78
CA ARG C 199 2.46 34.05 14.16
C ARG C 199 0.93 33.87 14.30
N ARG C 200 0.28 33.44 13.23
CA ARG C 200 -1.14 33.06 13.29
C ARG C 200 -1.29 31.58 12.97
N ALA C 201 -2.22 30.94 13.65
CA ALA C 201 -2.54 29.56 13.41
C ALA C 201 -2.97 29.42 11.95
N LEU C 202 -2.59 28.31 11.32
CA LEU C 202 -2.84 28.15 9.91
C LEU C 202 -4.30 27.75 9.67
N PHE C 203 -4.78 26.75 10.41
CA PHE C 203 -6.18 26.37 10.37
C PHE C 203 -6.85 26.41 11.77
N PRO C 204 -7.33 27.60 12.18
CA PRO C 204 -7.98 27.78 13.48
C PRO C 204 -9.48 27.43 13.45
N GLY C 205 -9.75 26.12 13.36
CA GLY C 205 -11.09 25.59 13.29
C GLY C 205 -11.93 25.66 14.56
N ASP C 206 -13.24 25.65 14.34
CA ASP C 206 -14.24 25.72 15.40
C ASP C 206 -14.73 24.38 15.89
N SER C 207 -14.62 23.38 15.02
CA SER C 207 -15.28 22.08 15.16
C SER C 207 -14.73 21.21 14.04
N GLU C 208 -15.07 19.93 14.03
CA GLU C 208 -14.55 19.11 12.96
C GLU C 208 -14.85 19.63 11.55
N ILE C 209 -16.11 19.90 11.26
CA ILE C 209 -16.44 20.34 9.91
C ILE C 209 -15.81 21.71 9.63
N ASP C 210 -15.76 22.58 10.62
CA ASP C 210 -15.13 23.89 10.39
C ASP C 210 -13.64 23.72 10.07
N GLN C 211 -12.95 22.88 10.85
CA GLN C 211 -11.56 22.54 10.60
C GLN C 211 -11.29 22.04 9.18
N LEU C 212 -12.12 21.10 8.72
CA LEU C 212 -12.03 20.60 7.34
C LEU C 212 -12.22 21.68 6.29
N PHE C 213 -13.14 22.60 6.56
CA PHE C 213 -13.42 23.65 5.59
C PHE C 213 -12.28 24.63 5.48
N ARG C 214 -11.63 24.98 6.60
CA ARG C 214 -10.46 25.85 6.55
C ARG C 214 -9.22 25.24 5.84
N ILE C 215 -8.92 23.96 6.07
CA ILE C 215 -7.94 23.23 5.26
C ILE C 215 -8.33 23.33 3.78
N PHE C 216 -9.60 23.05 3.49
CA PHE C 216 -10.13 23.13 2.11
C PHE C 216 -9.97 24.53 1.49
N ARG C 217 -10.38 25.58 2.22
CA ARG C 217 -10.36 26.95 1.69
C ARG C 217 -8.94 27.47 1.41
N THR C 218 -7.94 26.76 1.93
CA THR C 218 -6.55 27.13 1.79
C THR C 218 -5.83 26.25 0.75
N LEU C 219 -5.91 24.93 0.93
CA LEU C 219 -5.20 24.00 0.05
C LEU C 219 -6.05 23.49 -1.14
N GLY C 220 -7.34 23.85 -1.17
CA GLY C 220 -8.23 23.32 -2.19
C GLY C 220 -8.99 22.08 -1.68
N THR C 221 -10.25 21.94 -2.11
CA THR C 221 -10.99 20.73 -1.80
C THR C 221 -10.29 19.52 -2.44
N PRO C 222 -9.93 18.53 -1.65
CA PRO C 222 -9.22 17.39 -2.21
C PRO C 222 -10.17 16.63 -3.15
N ASP C 223 -9.60 16.06 -4.21
CA ASP C 223 -10.30 15.19 -5.16
C ASP C 223 -9.41 13.99 -5.44
N GLU C 224 -9.92 13.05 -6.26
CA GLU C 224 -9.20 11.83 -6.63
C GLU C 224 -7.85 12.07 -7.33
N VAL C 225 -7.73 13.21 -8.01
CA VAL C 225 -6.44 13.62 -8.59
C VAL C 225 -5.36 13.71 -7.53
N VAL C 226 -5.64 14.50 -6.51
CA VAL C 226 -4.66 14.86 -5.51
C VAL C 226 -4.59 13.81 -4.38
N TRP C 227 -5.69 13.07 -4.18
CA TRP C 227 -5.79 12.12 -3.08
C TRP C 227 -6.69 10.93 -3.47
N PRO C 228 -6.17 9.97 -4.25
CA PRO C 228 -6.95 8.75 -4.61
C PRO C 228 -7.51 8.09 -3.37
N GLY C 229 -8.82 7.85 -3.35
CA GLY C 229 -9.48 7.41 -2.14
C GLY C 229 -10.47 8.38 -1.50
N VAL C 230 -10.16 9.68 -1.47
CA VAL C 230 -10.95 10.60 -0.66
C VAL C 230 -12.44 10.46 -0.85
N THR C 231 -12.90 10.51 -2.09
CA THR C 231 -14.33 10.63 -2.34
C THR C 231 -15.13 9.47 -1.77
N SER C 232 -14.46 8.39 -1.40
CA SER C 232 -15.16 7.24 -0.82
C SER C 232 -14.78 6.94 0.65
N MET C 233 -14.26 7.96 1.34
CA MET C 233 -13.94 7.86 2.77
C MET C 233 -15.22 7.96 3.62
N PRO C 234 -15.15 7.52 4.88
CA PRO C 234 -16.31 7.53 5.78
C PRO C 234 -17.02 8.88 5.99
N ASP C 235 -16.26 9.96 6.20
CA ASP C 235 -16.83 11.27 6.56
C ASP C 235 -16.75 12.28 5.44
N TYR C 236 -16.29 11.81 4.28
CA TYR C 236 -16.33 12.59 3.08
C TYR C 236 -17.77 12.76 2.61
N LYS C 237 -18.15 14.01 2.38
CA LYS C 237 -19.49 14.34 1.93
C LYS C 237 -19.46 14.88 0.52
N PRO C 238 -20.24 14.26 -0.37
CA PRO C 238 -20.28 14.69 -1.79
C PRO C 238 -20.69 16.16 -1.92
N SER C 239 -21.27 16.71 -0.86
CA SER C 239 -21.77 18.08 -0.83
C SER C 239 -20.76 19.14 -0.35
N PHE C 240 -19.50 18.74 -0.11
CA PHE C 240 -18.45 19.69 0.28
C PHE C 240 -18.34 20.73 -0.81
N PRO C 241 -18.20 22.01 -0.44
CA PRO C 241 -18.05 23.06 -1.46
C PRO C 241 -16.74 22.85 -2.20
N LYS C 242 -16.71 23.15 -3.50
CA LYS C 242 -15.52 22.96 -4.33
C LYS C 242 -14.69 24.23 -4.31
N TRP C 243 -13.73 24.30 -3.40
CA TRP C 243 -12.82 25.45 -3.28
C TRP C 243 -11.52 25.17 -4.00
N ALA C 244 -10.92 26.22 -4.54
CA ALA C 244 -9.70 26.11 -5.32
C ALA C 244 -8.45 26.35 -4.47
N ARG C 245 -7.34 25.75 -4.88
CA ARG C 245 -6.08 25.89 -4.14
C ARG C 245 -5.51 27.32 -4.19
N GLN C 246 -4.94 27.78 -3.07
CA GLN C 246 -4.24 29.05 -3.02
C GLN C 246 -2.72 28.97 -3.22
N ASP C 247 -2.14 29.93 -3.95
CA ASP C 247 -0.69 30.05 -4.05
C ASP C 247 -0.10 30.37 -2.66
N PHE C 248 0.94 29.62 -2.31
CA PHE C 248 1.58 29.69 -1.00
C PHE C 248 2.20 31.09 -0.75
N SER C 249 2.43 31.83 -1.83
CA SER C 249 2.82 33.23 -1.75
C SER C 249 1.76 34.05 -1.01
N LYS C 250 0.51 33.58 -1.05
CA LYS C 250 -0.59 34.24 -0.33
C LYS C 250 -0.74 33.66 1.09
N VAL C 251 -0.69 32.33 1.20
CA VAL C 251 -0.74 31.60 2.47
C VAL C 251 0.38 31.99 3.44
N VAL C 252 1.62 31.93 2.96
CA VAL C 252 2.75 32.10 3.84
C VAL C 252 3.76 33.12 3.23
N PRO C 253 3.30 34.37 3.07
CA PRO C 253 4.06 35.40 2.32
C PRO C 253 5.59 35.51 2.56
N PRO C 254 6.08 35.54 3.79
CA PRO C 254 7.54 35.66 4.04
C PRO C 254 8.40 34.46 3.59
N LEU C 255 7.79 33.32 3.26
CA LEU C 255 8.53 32.10 2.96
C LEU C 255 9.06 32.10 1.55
N ASP C 256 10.35 31.82 1.36
CA ASP C 256 10.98 31.70 0.04
C ASP C 256 10.66 30.39 -0.67
N GLU C 257 11.20 30.22 -1.88
CA GLU C 257 10.86 29.07 -2.72
C GLU C 257 11.10 27.73 -2.02
N ASP C 258 12.21 27.65 -1.29
CA ASP C 258 12.59 26.41 -0.65
C ASP C 258 11.59 26.06 0.47
N GLY C 259 11.26 27.05 1.30
CA GLY C 259 10.29 26.91 2.38
C GLY C 259 8.92 26.46 1.86
N ARG C 260 8.43 27.14 0.81
CA ARG C 260 7.16 26.79 0.16
C ARG C 260 7.18 25.35 -0.38
N SER C 261 8.33 24.98 -0.91
CA SER C 261 8.54 23.60 -1.36
C SER C 261 8.42 22.58 -0.19
N LEU C 262 9.01 22.90 0.95
CA LEU C 262 8.97 22.00 2.11
C LEU C 262 7.61 22.01 2.81
N LEU C 263 7.07 23.20 3.05
CA LEU C 263 5.74 23.30 3.64
C LEU C 263 4.76 22.43 2.87
N SER C 264 4.79 22.51 1.54
CA SER C 264 3.80 21.82 0.71
C SER C 264 3.99 20.31 0.74
N GLN C 265 5.20 19.83 0.97
CA GLN C 265 5.41 18.40 1.10
C GLN C 265 5.06 17.92 2.50
N MET C 266 4.91 18.85 3.42
CA MET C 266 4.44 18.51 4.76
C MET C 266 2.91 18.54 4.83
N LEU C 267 2.30 19.32 3.93
CA LEU C 267 0.86 19.60 3.96
C LEU C 267 0.10 18.90 2.85
N HIS C 268 0.78 18.00 2.14
CA HIS C 268 0.14 17.08 1.20
C HIS C 268 -1.03 16.34 1.83
N TYR C 269 -2.12 16.24 1.08
CA TYR C 269 -3.34 15.56 1.53
C TYR C 269 -3.17 14.06 1.74
N ASP C 270 -2.63 13.38 0.74
CA ASP C 270 -2.50 11.93 0.76
C ASP C 270 -1.39 11.61 1.74
N PRO C 271 -1.74 10.96 2.86
CA PRO C 271 -0.72 10.53 3.83
C PRO C 271 0.50 9.86 3.15
N ASN C 272 0.27 9.07 2.10
CA ASN C 272 1.34 8.40 1.39
C ASN C 272 2.27 9.27 0.60
N LYS C 273 1.81 10.45 0.20
CA LYS C 273 2.67 11.42 -0.51
C LYS C 273 3.36 12.39 0.45
N ARG C 274 2.92 12.44 1.70
CA ARG C 274 3.46 13.38 2.68
C ARG C 274 4.90 13.00 3.03
N ILE C 275 5.82 13.95 2.94
CA ILE C 275 7.23 13.73 3.33
C ILE C 275 7.40 13.19 4.78
N SER C 276 8.41 12.34 4.99
CA SER C 276 8.74 11.90 6.34
C SER C 276 9.74 12.88 6.93
N ALA C 277 9.94 12.81 8.26
CA ALA C 277 10.82 13.70 9.00
C ALA C 277 12.25 13.57 8.50
N LYS C 278 12.70 12.33 8.39
CA LYS C 278 14.05 12.02 7.90
C LYS C 278 14.27 12.54 6.50
N ALA C 279 13.35 12.27 5.59
CA ALA C 279 13.45 12.85 4.26
C ALA C 279 13.49 14.38 4.36
N ALA C 280 12.65 14.95 5.23
CA ALA C 280 12.55 16.41 5.34
C ALA C 280 13.89 17.04 5.71
N LEU C 281 14.66 16.32 6.52
CA LEU C 281 15.95 16.81 7.02
C LEU C 281 16.89 17.09 5.87
N ALA C 282 16.65 16.45 4.72
CA ALA C 282 17.54 16.55 3.56
C ALA C 282 17.06 17.57 2.55
N HIS C 283 15.94 18.24 2.82
CA HIS C 283 15.44 19.26 1.92
C HIS C 283 16.42 20.46 1.78
N PRO C 284 16.56 21.03 0.57
CA PRO C 284 17.50 22.14 0.36
C PRO C 284 17.29 23.35 1.30
N PHE C 285 16.08 23.56 1.78
CA PHE C 285 15.79 24.64 2.73
C PHE C 285 16.78 24.68 3.89
N PHE C 286 17.27 23.51 4.28
CA PHE C 286 18.19 23.37 5.40
C PHE C 286 19.68 23.32 5.01
N GLN C 287 20.04 23.77 3.80
CA GLN C 287 21.47 23.72 3.42
C GLN C 287 22.30 24.70 4.26
N ASP C 288 21.78 25.89 4.55
CA ASP C 288 22.53 26.88 5.33
C ASP C 288 22.01 27.02 6.76
N VAL C 289 21.59 25.91 7.35
CA VAL C 289 20.99 25.94 8.68
C VAL C 289 22.05 26.21 9.75
N THR C 290 21.73 27.09 10.70
CA THR C 290 22.61 27.41 11.82
C THR C 290 21.89 27.18 13.15
N LYS C 291 22.52 27.59 14.25
CA LYS C 291 21.90 27.51 15.58
C LYS C 291 21.78 28.88 16.29
N PRO C 292 21.00 29.84 15.74
CA PRO C 292 20.96 31.19 16.29
C PRO C 292 20.53 31.20 17.75
N VAL C 293 21.24 31.94 18.60
CA VAL C 293 20.85 32.10 20.00
C VAL C 293 19.83 33.24 20.07
N PRO C 294 18.59 32.90 20.46
CA PRO C 294 17.47 33.88 20.44
C PRO C 294 17.69 35.22 21.18
N HIS C 295 17.66 36.30 20.38
CA HIS C 295 17.32 37.65 20.82
C HIS C 295 16.13 37.48 21.78
N LEU C 296 16.33 37.83 23.07
CA LEU C 296 15.30 37.58 24.11
C LEU C 296 14.35 38.77 24.35
N VAL D 1 4.80 -1.05 2.31
CA VAL D 1 6.07 -0.92 3.11
C VAL D 1 6.25 0.47 3.69
N PRO D 2 6.01 0.60 5.00
CA PRO D 2 5.93 1.92 5.65
C PRO D 2 7.28 2.58 5.84
N ASP D 3 7.25 3.90 6.04
CA ASP D 3 8.45 4.74 6.08
C ASP D 3 9.65 4.30 6.94
N TYR D 4 9.42 3.76 8.13
CA TYR D 4 10.61 3.57 8.97
C TYR D 4 10.92 2.08 9.25
N HIS D 5 10.42 1.20 8.40
CA HIS D 5 10.26 -0.19 8.77
C HIS D 5 11.59 -0.91 9.04
N GLU D 6 12.61 -0.55 8.28
CA GLU D 6 13.95 -1.14 8.46
C GLU D 6 14.67 -0.62 9.72
N ASP D 7 14.46 0.65 10.06
CA ASP D 7 14.99 1.23 11.31
C ASP D 7 14.36 0.59 12.53
N ILE D 8 13.03 0.43 12.47
CA ILE D 8 12.27 -0.13 13.57
C ILE D 8 12.74 -1.55 13.78
N HIS D 9 12.81 -2.32 12.70
CA HIS D 9 13.24 -3.69 12.78
C HIS D 9 14.59 -3.76 13.49
N THR D 10 15.54 -2.93 13.06
CA THR D 10 16.86 -2.92 13.68
C THR D 10 16.83 -2.55 15.19
N TYR D 11 16.03 -1.54 15.52
CA TYR D 11 15.89 -1.13 16.89
C TYR D 11 15.20 -2.21 17.72
N LEU D 12 14.20 -2.88 17.16
CA LEU D 12 13.58 -3.99 17.89
C LEU D 12 14.57 -5.15 18.17
N ARG D 13 15.48 -5.38 17.22
CA ARG D 13 16.47 -6.44 17.38
C ARG D 13 17.45 -6.10 18.51
N GLU D 14 17.74 -4.80 18.67
CA GLU D 14 18.57 -4.29 19.74
C GLU D 14 17.84 -4.44 21.07
N MET D 15 16.55 -4.13 21.10
CA MET D 15 15.82 -4.13 22.37
C MET D 15 15.45 -5.53 22.88
N GLU D 16 15.25 -6.48 21.99
CA GLU D 16 14.82 -7.79 22.44
C GLU D 16 15.90 -8.48 23.28
N VAL D 17 17.16 -8.09 23.08
CA VAL D 17 18.27 -8.61 23.86
C VAL D 17 18.33 -7.94 25.25
N LYS D 18 17.83 -6.71 25.30
CA LYS D 18 17.76 -5.97 26.55
C LYS D 18 16.54 -6.32 27.39
N CYS D 19 15.54 -6.96 26.78
CA CYS D 19 14.26 -7.20 27.47
C CYS D 19 14.02 -8.68 27.79
N LYS D 20 15.04 -9.50 27.58
CA LYS D 20 14.93 -10.92 27.87
C LYS D 20 14.98 -11.19 29.38
N PRO D 21 14.16 -12.13 29.84
CA PRO D 21 14.23 -12.65 31.22
C PRO D 21 15.38 -13.62 31.39
N LYS D 22 15.74 -13.94 32.63
CA LYS D 22 16.78 -14.96 32.88
C LYS D 22 16.29 -16.35 32.43
N VAL D 23 17.12 -17.04 31.64
CA VAL D 23 16.78 -18.32 31.01
C VAL D 23 16.23 -19.34 32.00
N GLY D 24 16.95 -19.54 33.10
CA GLY D 24 16.60 -20.59 34.03
C GLY D 24 16.07 -20.07 35.34
N TYR D 25 15.27 -19.01 35.29
CA TYR D 25 14.77 -18.38 36.51
C TYR D 25 13.92 -19.35 37.34
N MET D 26 13.15 -20.19 36.65
CA MET D 26 12.17 -21.04 37.28
C MET D 26 12.85 -21.99 38.25
N LYS D 27 14.08 -22.35 37.92
CA LYS D 27 14.88 -23.30 38.69
C LYS D 27 15.28 -22.76 40.06
N LYS D 28 15.30 -21.43 40.23
CA LYS D 28 15.47 -20.88 41.58
C LYS D 28 14.18 -20.32 42.19
N GLN D 29 13.03 -20.68 41.61
CA GLN D 29 11.74 -20.37 42.23
C GLN D 29 11.35 -21.52 43.17
N PRO D 30 11.38 -21.29 44.49
CA PRO D 30 11.14 -22.37 45.45
C PRO D 30 9.71 -22.93 45.46
N ASP D 31 8.70 -22.13 45.13
CA ASP D 31 7.32 -22.61 45.23
C ASP D 31 6.53 -22.79 43.91
N ILE D 32 6.93 -22.13 42.83
CA ILE D 32 6.18 -22.22 41.58
C ILE D 32 6.98 -22.97 40.54
N THR D 33 6.31 -23.49 39.51
CA THR D 33 6.96 -24.31 38.48
C THR D 33 6.60 -23.83 37.08
N ASN D 34 7.19 -24.46 36.07
CA ASN D 34 6.85 -24.15 34.69
C ASN D 34 5.42 -24.52 34.38
N SER D 35 4.92 -25.46 35.15
CA SER D 35 3.59 -26.01 34.94
C SER D 35 2.50 -25.03 35.41
N MET D 36 2.73 -24.39 36.54
CA MET D 36 1.82 -23.36 37.03
C MET D 36 1.83 -22.15 36.11
N ARG D 37 3.01 -21.82 35.57
CA ARG D 37 3.13 -20.71 34.64
C ARG D 37 2.31 -21.01 33.37
N ALA D 38 2.37 -22.25 32.88
CA ALA D 38 1.50 -22.67 31.80
C ALA D 38 0.02 -22.42 32.12
N ILE D 39 -0.39 -22.77 33.34
CA ILE D 39 -1.78 -22.61 33.72
C ILE D 39 -2.12 -21.12 33.70
N LEU D 40 -1.14 -20.29 34.10
CA LEU D 40 -1.31 -18.85 34.22
C LEU D 40 -1.46 -18.24 32.82
N VAL D 41 -0.52 -18.58 31.95
CA VAL D 41 -0.54 -17.97 30.64
C VAL D 41 -1.81 -18.41 29.91
N ASP D 42 -2.15 -19.68 30.06
CA ASP D 42 -3.39 -20.22 29.49
C ASP D 42 -4.63 -19.49 29.96
N TRP D 43 -4.73 -19.28 31.27
CA TRP D 43 -5.83 -18.47 31.84
C TRP D 43 -5.87 -17.07 31.24
N LEU D 44 -4.70 -16.47 31.04
CA LEU D 44 -4.60 -15.11 30.51
C LEU D 44 -5.07 -15.06 29.06
N VAL D 45 -4.80 -16.12 28.29
CA VAL D 45 -5.38 -16.19 26.96
C VAL D 45 -6.92 -16.09 27.06
N GLU D 46 -7.49 -16.76 28.06
CA GLU D 46 -8.94 -16.78 28.26
C GLU D 46 -9.47 -15.42 28.64
N VAL D 47 -8.69 -14.70 29.45
CA VAL D 47 -9.02 -13.32 29.83
C VAL D 47 -9.00 -12.40 28.60
N GLY D 48 -8.02 -12.61 27.72
CA GLY D 48 -7.88 -11.80 26.52
C GLY D 48 -9.05 -11.99 25.59
N GLU D 49 -9.45 -13.24 25.43
CA GLU D 49 -10.65 -13.57 24.65
C GLU D 49 -11.90 -12.90 25.20
N GLU D 50 -12.07 -13.00 26.51
CA GLU D 50 -13.25 -12.51 27.16
C GLU D 50 -13.42 -10.99 27.04
N TYR D 51 -12.33 -10.23 27.13
CA TYR D 51 -12.38 -8.77 27.03
C TYR D 51 -11.97 -8.19 25.68
N LYS D 52 -11.85 -9.04 24.66
CA LYS D 52 -11.56 -8.60 23.30
C LYS D 52 -10.30 -7.77 23.26
N LEU D 53 -9.28 -8.27 23.96
CA LEU D 53 -7.96 -7.66 24.02
C LEU D 53 -7.13 -8.07 22.80
N GLN D 54 -6.25 -7.19 22.35
CA GLN D 54 -5.31 -7.51 21.27
C GLN D 54 -4.41 -8.67 21.67
N ASN D 55 -3.88 -9.40 20.70
CA ASN D 55 -2.89 -10.43 21.02
C ASN D 55 -1.57 -9.83 21.53
N GLU D 56 -1.29 -8.62 21.05
CA GLU D 56 -0.10 -7.87 21.47
C GLU D 56 -0.11 -7.66 22.98
N THR D 57 -1.29 -7.45 23.54
CA THR D 57 -1.43 -7.33 24.99
C THR D 57 -1.09 -8.65 25.71
N LEU D 58 -1.57 -9.78 25.22
CA LEU D 58 -1.19 -11.06 25.79
C LEU D 58 0.31 -11.13 25.82
N HIS D 59 0.94 -10.87 24.66
CA HIS D 59 2.38 -11.09 24.52
C HIS D 59 3.17 -10.19 25.47
N LEU D 60 2.68 -8.97 25.69
CA LEU D 60 3.36 -8.07 26.61
C LEU D 60 3.28 -8.57 28.08
N ALA D 61 2.09 -9.01 28.50
CA ALA D 61 1.87 -9.51 29.85
C ALA D 61 2.86 -10.63 30.20
N VAL D 62 3.02 -11.58 29.28
CA VAL D 62 3.93 -12.70 29.48
C VAL D 62 5.36 -12.21 29.59
N ASN D 63 5.75 -11.23 28.78
CA ASN D 63 7.09 -10.62 28.90
C ASN D 63 7.30 -9.99 30.32
N TYR D 64 6.35 -9.16 30.74
CA TYR D 64 6.33 -8.62 32.09
C TYR D 64 6.46 -9.73 33.12
N ILE D 65 5.59 -10.73 33.09
CA ILE D 65 5.63 -11.78 34.11
C ILE D 65 7.01 -12.46 34.20
N ASP D 66 7.59 -12.83 33.05
CA ASP D 66 8.85 -13.54 33.03
C ASP D 66 9.96 -12.63 33.53
N ARG D 67 9.90 -11.36 33.18
CA ARG D 67 10.90 -10.44 33.66
C ARG D 67 10.73 -10.24 35.16
N PHE D 68 9.48 -10.20 35.62
CA PHE D 68 9.21 -10.11 37.05
C PHE D 68 9.73 -11.32 37.83
N LEU D 69 9.30 -12.52 37.43
CA LEU D 69 9.72 -13.73 38.11
C LEU D 69 11.26 -13.95 38.05
N SER D 70 11.94 -13.26 37.12
CA SER D 70 13.39 -13.42 37.03
C SER D 70 14.11 -12.84 38.23
N SER D 71 13.43 -12.07 39.06
CA SER D 71 14.08 -11.38 40.17
C SER D 71 13.25 -11.31 41.42
N MET D 72 12.06 -11.89 41.39
CA MET D 72 11.26 -11.96 42.60
C MET D 72 10.79 -13.37 42.80
N SER D 73 11.03 -13.92 43.99
CA SER D 73 10.40 -15.18 44.41
C SER D 73 8.93 -14.93 44.65
N VAL D 74 8.10 -15.84 44.19
CA VAL D 74 6.67 -15.65 44.31
C VAL D 74 6.06 -16.96 44.77
N LEU D 75 5.17 -16.88 45.74
CA LEU D 75 4.45 -18.04 46.23
C LEU D 75 3.25 -18.33 45.35
N ARG D 76 2.87 -19.60 45.26
CA ARG D 76 1.83 -20.03 44.32
C ARG D 76 0.51 -19.27 44.44
N GLY D 77 0.15 -18.89 45.65
CA GLY D 77 -1.11 -18.20 45.85
C GLY D 77 -1.08 -16.76 45.36
N LYS D 78 0.10 -16.28 45.02
CA LYS D 78 0.23 -14.90 44.55
C LYS D 78 0.64 -14.82 43.06
N LEU D 79 0.90 -15.98 42.45
CA LEU D 79 1.19 -16.04 41.01
C LEU D 79 0.14 -15.30 40.17
N GLN D 80 -1.14 -15.61 40.43
CA GLN D 80 -2.24 -15.06 39.65
C GLN D 80 -2.32 -13.56 39.82
N LEU D 81 -2.01 -13.07 41.02
CA LEU D 81 -1.96 -11.62 41.25
C LEU D 81 -0.86 -10.93 40.40
N VAL D 82 0.34 -11.53 40.28
CA VAL D 82 1.40 -11.00 39.40
C VAL D 82 0.85 -10.93 37.99
N GLY D 83 0.20 -12.00 37.54
CA GLY D 83 -0.35 -12.07 36.19
C GLY D 83 -1.45 -11.06 35.93
N THR D 84 -2.33 -10.86 36.91
CA THR D 84 -3.43 -9.95 36.76
C THR D 84 -2.91 -8.54 36.56
N ALA D 85 -1.92 -8.15 37.38
CA ALA D 85 -1.35 -6.81 37.29
C ALA D 85 -0.56 -6.61 35.97
N ALA D 86 0.16 -7.66 35.55
CA ALA D 86 0.83 -7.66 34.26
C ALA D 86 -0.15 -7.42 33.12
N MET D 87 -1.31 -8.08 33.19
CA MET D 87 -2.34 -8.00 32.17
C MET D 87 -2.95 -6.61 32.21
N LEU D 88 -3.16 -6.07 33.41
CA LEU D 88 -3.63 -4.71 33.54
C LEU D 88 -2.62 -3.68 32.97
N LEU D 89 -1.34 -3.83 33.30
CA LEU D 89 -0.31 -2.93 32.72
C LEU D 89 -0.21 -3.01 31.20
N ALA D 90 -0.29 -4.22 30.64
CA ALA D 90 -0.19 -4.39 29.20
C ALA D 90 -1.41 -3.75 28.52
N SER D 91 -2.56 -3.84 29.17
CA SER D 91 -3.77 -3.26 28.62
C SER D 91 -3.65 -1.75 28.55
N LYS D 92 -3.18 -1.12 29.64
CA LYS D 92 -3.01 0.32 29.68
C LYS D 92 -1.97 0.75 28.67
N PHE D 93 -0.99 -0.09 28.44
CA PHE D 93 0.00 0.27 27.43
C PHE D 93 -0.59 0.18 26.02
N GLU D 94 -1.17 -0.97 25.68
CA GLU D 94 -1.51 -1.35 24.30
C GLU D 94 -2.98 -1.11 23.83
N GLU D 95 -3.96 -1.17 24.72
CA GLU D 95 -5.36 -1.11 24.32
C GLU D 95 -5.92 0.29 24.24
N ILE D 96 -6.79 0.55 23.28
CA ILE D 96 -7.49 1.85 23.21
C ILE D 96 -8.43 2.01 24.38
N TYR D 97 -9.11 0.90 24.73
CA TYR D 97 -10.01 0.83 25.86
C TYR D 97 -9.58 -0.27 26.84
N PRO D 98 -8.62 0.00 27.74
CA PRO D 98 -8.25 -1.03 28.73
C PRO D 98 -9.41 -1.32 29.67
N PRO D 99 -9.61 -2.59 30.05
CA PRO D 99 -10.58 -2.91 31.11
C PRO D 99 -10.19 -2.23 32.42
N GLU D 100 -11.20 -1.86 33.22
CA GLU D 100 -11.03 -1.26 34.55
C GLU D 100 -10.45 -2.23 35.55
N VAL D 101 -9.83 -1.69 36.58
CA VAL D 101 -9.33 -2.54 37.67
C VAL D 101 -10.40 -3.42 38.26
N ALA D 102 -11.59 -2.86 38.48
CA ALA D 102 -12.71 -3.60 39.02
C ALA D 102 -12.99 -4.85 38.18
N GLU D 103 -12.82 -4.72 36.85
CA GLU D 103 -13.05 -5.83 35.96
C GLU D 103 -11.99 -6.96 36.08
N PHE D 104 -10.72 -6.59 36.20
CA PHE D 104 -9.67 -7.56 36.49
C PHE D 104 -9.88 -8.26 37.84
N VAL D 105 -10.27 -7.50 38.87
CA VAL D 105 -10.63 -8.09 40.16
C VAL D 105 -11.74 -9.12 39.96
N TYR D 106 -12.81 -8.70 39.28
CA TYR D 106 -13.94 -9.57 39.01
C TYR D 106 -13.58 -10.90 38.29
N ILE D 107 -12.64 -10.89 37.33
CA ILE D 107 -12.28 -12.17 36.69
C ILE D 107 -11.39 -13.09 37.51
N THR D 108 -10.73 -12.59 38.56
CA THR D 108 -10.07 -13.51 39.50
C THR D 108 -11.11 -14.13 40.46
N ASP D 109 -12.39 -14.05 40.09
CA ASP D 109 -13.49 -14.44 40.98
C ASP D 109 -13.24 -14.00 42.42
N ASP D 110 -12.88 -12.73 42.62
CA ASP D 110 -12.61 -12.15 43.96
C ASP D 110 -11.53 -12.84 44.82
N THR D 111 -10.56 -13.49 44.17
CA THR D 111 -9.36 -13.98 44.83
C THR D 111 -8.51 -12.85 45.45
N TYR D 112 -8.46 -11.68 44.83
CA TYR D 112 -7.70 -10.58 45.39
C TYR D 112 -8.58 -9.36 45.53
N THR D 113 -8.15 -8.41 46.34
CA THR D 113 -8.86 -7.14 46.42
C THR D 113 -8.33 -6.21 45.35
N LYS D 114 -9.02 -5.08 45.21
CA LYS D 114 -8.64 -4.01 44.30
C LYS D 114 -7.32 -3.38 44.78
N LYS D 115 -7.22 -3.22 46.10
CA LYS D 115 -5.98 -2.79 46.77
C LYS D 115 -4.79 -3.68 46.41
N GLN D 116 -4.97 -4.98 46.45
CA GLN D 116 -3.92 -5.89 46.09
C GLN D 116 -3.43 -5.66 44.66
N VAL D 117 -4.37 -5.65 43.72
CA VAL D 117 -4.05 -5.46 42.32
C VAL D 117 -3.29 -4.15 42.10
N LEU D 118 -3.73 -3.07 42.75
CA LEU D 118 -3.10 -1.77 42.50
C LEU D 118 -1.71 -1.69 43.08
N ARG D 119 -1.49 -2.43 44.18
CA ARG D 119 -0.20 -2.46 44.82
C ARG D 119 0.76 -3.33 44.06
N MET D 120 0.27 -4.46 43.58
CA MET D 120 1.06 -5.29 42.68
C MET D 120 1.43 -4.52 41.40
N GLU D 121 0.47 -3.75 40.85
CA GLU D 121 0.76 -2.89 39.68
C GLU D 121 1.95 -1.99 39.94
N HIS D 122 1.92 -1.35 41.10
CA HIS D 122 2.99 -0.50 41.54
C HIS D 122 4.32 -1.28 41.64
N LEU D 123 4.28 -2.50 42.16
CA LEU D 123 5.49 -3.27 42.40
C LEU D 123 6.08 -3.83 41.12
N VAL D 124 5.21 -4.23 40.19
CA VAL D 124 5.67 -4.68 38.89
C VAL D 124 6.37 -3.50 38.22
N LEU D 125 5.75 -2.32 38.23
CA LEU D 125 6.41 -1.14 37.66
C LEU D 125 7.80 -0.87 38.24
N LYS D 126 7.96 -0.98 39.56
CA LYS D 126 9.29 -0.83 40.16
C LYS D 126 10.30 -1.87 39.68
N VAL D 127 9.94 -3.16 39.77
CA VAL D 127 10.82 -4.26 39.39
C VAL D 127 11.24 -4.12 37.90
N LEU D 128 10.31 -3.69 37.03
CA LEU D 128 10.62 -3.55 35.59
C LEU D 128 11.18 -2.19 35.27
N THR D 129 11.36 -1.37 36.30
CA THR D 129 11.85 0.03 36.21
C THR D 129 11.10 0.77 35.09
N PHE D 130 9.81 0.50 34.95
CA PHE D 130 8.95 1.15 33.96
C PHE D 130 9.29 0.87 32.51
N ASP D 131 10.06 -0.18 32.22
CA ASP D 131 10.41 -0.47 30.82
C ASP D 131 9.36 -1.39 30.21
N LEU D 132 8.32 -0.82 29.62
CA LEU D 132 7.18 -1.64 29.22
C LEU D 132 7.08 -1.87 27.73
N ALA D 133 7.86 -1.16 26.94
CA ALA D 133 7.76 -1.26 25.49
C ALA D 133 8.64 -2.40 24.94
N ALA D 134 8.30 -3.64 25.31
CA ALA D 134 9.10 -4.81 24.94
C ALA D 134 8.74 -5.27 23.54
N PRO D 135 9.73 -5.67 22.76
CA PRO D 135 9.47 -6.33 21.47
C PRO D 135 8.85 -7.69 21.71
N THR D 136 7.90 -8.11 20.90
CA THR D 136 7.22 -9.40 21.08
C THR D 136 7.31 -10.23 19.82
N VAL D 137 6.96 -11.51 19.92
CA VAL D 137 6.93 -12.38 18.76
C VAL D 137 5.99 -11.75 17.75
N ASN D 138 4.82 -11.37 18.24
CA ASN D 138 3.81 -10.68 17.46
C ASN D 138 4.31 -9.48 16.61
N GLN D 139 5.17 -8.65 17.20
CA GLN D 139 5.72 -7.53 16.49
C GLN D 139 6.58 -7.98 15.31
N PHE D 140 7.46 -8.97 15.50
CA PHE D 140 8.30 -9.44 14.40
C PHE D 140 7.49 -10.15 13.33
N LEU D 141 6.51 -10.95 13.76
CA LEU D 141 5.59 -11.65 12.85
C LEU D 141 4.92 -10.71 11.83
N THR D 142 4.30 -9.61 12.30
CA THR D 142 3.61 -8.66 11.41
C THR D 142 4.58 -8.00 10.43
N GLN D 143 5.82 -7.84 10.87
CA GLN D 143 6.87 -7.32 10.00
C GLN D 143 7.30 -8.34 8.93
N TYR D 144 7.46 -9.60 9.34
CA TYR D 144 7.82 -10.65 8.41
C TYR D 144 6.70 -10.82 7.38
N PHE D 145 5.45 -10.84 7.86
CA PHE D 145 4.26 -10.92 7.02
C PHE D 145 4.35 -10.03 5.78
N LEU D 146 4.94 -8.85 5.93
CA LEU D 146 5.03 -7.91 4.80
C LEU D 146 5.91 -8.41 3.66
N HIS D 147 6.57 -9.54 3.85
CA HIS D 147 7.46 -10.11 2.84
C HIS D 147 6.83 -11.37 2.26
N GLN D 148 5.50 -11.39 2.26
CA GLN D 148 4.74 -12.52 1.75
C GLN D 148 4.23 -12.26 0.33
N GLN D 149 4.27 -13.33 -0.48
CA GLN D 149 4.10 -13.24 -1.93
C GLN D 149 2.98 -14.13 -2.51
N PRO D 150 1.73 -13.63 -2.56
CA PRO D 150 1.29 -12.41 -1.84
C PRO D 150 0.80 -12.80 -0.45
N ALA D 151 -0.12 -12.05 0.14
CA ALA D 151 -0.57 -12.31 1.50
C ALA D 151 -1.41 -13.57 1.53
N ASN D 152 -1.03 -14.52 2.38
CA ASN D 152 -1.86 -15.69 2.65
C ASN D 152 -2.35 -15.58 4.09
N CYS D 153 -3.65 -15.43 4.26
CA CYS D 153 -4.22 -15.18 5.58
C CYS D 153 -4.17 -16.40 6.49
N LYS D 154 -4.14 -17.59 5.88
CA LYS D 154 -4.06 -18.85 6.60
C LYS D 154 -2.65 -19.08 7.09
N VAL D 155 -1.65 -18.65 6.31
CA VAL D 155 -0.28 -18.63 6.80
C VAL D 155 -0.16 -17.70 8.03
N GLU D 156 -0.65 -16.46 7.87
CA GLU D 156 -0.60 -15.44 8.90
C GLU D 156 -1.28 -15.93 10.18
N SER D 157 -2.51 -16.41 10.05
CA SER D 157 -3.25 -16.85 11.24
C SER D 157 -2.58 -18.03 11.92
N LEU D 158 -2.06 -18.99 11.15
CA LEU D 158 -1.34 -20.13 11.71
C LEU D 158 -0.03 -19.71 12.42
N ALA D 159 0.68 -18.74 11.83
CA ALA D 159 1.92 -18.22 12.43
C ALA D 159 1.64 -17.59 13.81
N MET D 160 0.62 -16.72 13.88
CA MET D 160 0.14 -16.20 15.16
C MET D 160 -0.17 -17.33 16.15
N PHE D 161 -0.78 -18.41 15.65
CA PHE D 161 -1.17 -19.52 16.49
C PHE D 161 0.07 -20.18 17.08
N LEU D 162 1.05 -20.46 16.23
CA LEU D 162 2.29 -21.10 16.66
C LEU D 162 3.11 -20.21 17.59
N GLY D 163 3.15 -18.91 17.30
CA GLY D 163 3.78 -17.92 18.17
C GLY D 163 3.12 -17.84 19.53
N GLU D 164 1.81 -18.03 19.57
CA GLU D 164 1.08 -18.01 20.84
C GLU D 164 1.33 -19.26 21.68
N LEU D 165 1.49 -20.41 21.03
CA LEU D 165 1.70 -21.66 21.78
C LEU D 165 3.01 -21.54 22.56
N SER D 166 3.98 -20.84 21.97
CA SER D 166 5.30 -20.67 22.56
C SER D 166 5.24 -19.90 23.90
N LEU D 167 4.15 -19.18 24.12
CA LEU D 167 3.98 -18.41 25.35
C LEU D 167 3.78 -19.32 26.55
N ILE D 168 3.18 -20.47 26.28
CA ILE D 168 2.77 -21.42 27.31
C ILE D 168 3.94 -22.15 27.98
N ASP D 169 4.87 -22.64 27.16
CA ASP D 169 5.98 -23.48 27.61
C ASP D 169 7.32 -22.73 27.78
N ALA D 170 7.62 -22.39 29.03
CA ALA D 170 8.80 -21.60 29.36
C ALA D 170 10.08 -22.40 29.07
N ASP D 171 9.99 -23.71 29.29
CA ASP D 171 10.98 -24.65 28.76
C ASP D 171 10.30 -25.40 27.58
N PRO D 172 10.79 -25.24 26.35
CA PRO D 172 12.07 -24.57 26.02
C PRO D 172 12.07 -23.11 25.54
N TYR D 173 10.95 -22.39 25.41
CA TYR D 173 10.97 -21.15 24.58
C TYR D 173 11.66 -19.93 25.16
N LEU D 174 11.92 -19.97 26.47
CA LEU D 174 12.72 -18.93 27.09
C LEU D 174 14.13 -18.84 26.51
N LYS D 175 14.66 -19.94 25.99
CA LYS D 175 15.97 -19.93 25.30
C LYS D 175 16.06 -19.09 24.01
N TYR D 176 14.93 -18.87 23.35
CA TYR D 176 14.92 -18.21 22.03
C TYR D 176 14.40 -16.80 22.11
N LEU D 177 15.10 -15.89 21.44
CA LEU D 177 14.64 -14.50 21.24
C LEU D 177 13.35 -14.47 20.40
N PRO D 178 12.50 -13.48 20.67
CA PRO D 178 11.26 -13.25 19.91
C PRO D 178 11.40 -13.20 18.39
N SER D 179 12.48 -12.59 17.89
CA SER D 179 12.71 -12.57 16.44
C SER D 179 13.00 -13.97 15.89
N VAL D 180 13.60 -14.82 16.71
CA VAL D 180 13.89 -16.19 16.28
C VAL D 180 12.61 -17.02 16.27
N ILE D 181 11.82 -16.97 17.34
CA ILE D 181 10.58 -17.72 17.43
C ILE D 181 9.63 -17.34 16.31
N ALA D 182 9.54 -16.05 16.01
CA ALA D 182 8.67 -15.56 14.93
C ALA D 182 9.09 -16.12 13.57
N GLY D 183 10.41 -16.26 13.36
CA GLY D 183 10.94 -16.82 12.13
C GLY D 183 10.58 -18.29 12.06
N ALA D 184 10.90 -19.04 13.11
CA ALA D 184 10.50 -20.43 13.18
C ALA D 184 9.01 -20.54 12.90
N ALA D 185 8.21 -19.64 13.49
CA ALA D 185 6.76 -19.77 13.36
C ALA D 185 6.31 -19.42 11.95
N PHE D 186 6.97 -18.42 11.35
CA PHE D 186 6.57 -17.97 10.03
C PHE D 186 6.89 -19.12 9.07
N HIS D 187 8.09 -19.67 9.20
CA HIS D 187 8.47 -20.78 8.34
C HIS D 187 7.57 -22.01 8.49
N LEU D 188 7.30 -22.42 9.73
CA LEU D 188 6.40 -23.55 9.95
C LEU D 188 5.00 -23.36 9.33
N ALA D 189 4.46 -22.14 9.44
CA ALA D 189 3.13 -21.85 8.91
C ALA D 189 3.15 -21.79 7.38
N LEU D 190 4.22 -21.23 6.85
CA LEU D 190 4.41 -21.19 5.42
C LEU D 190 4.40 -22.61 4.87
N TYR D 191 5.36 -23.42 5.33
CA TYR D 191 5.49 -24.82 4.96
C TYR D 191 4.19 -25.60 5.04
N THR D 192 3.48 -25.48 6.16
CA THR D 192 2.27 -26.26 6.38
C THR D 192 1.17 -26.01 5.35
N VAL D 193 0.96 -24.74 5.00
CA VAL D 193 -0.23 -24.31 4.25
C VAL D 193 0.02 -24.37 2.76
N THR D 194 1.16 -23.86 2.32
CA THR D 194 1.47 -23.74 0.90
C THR D 194 2.66 -24.59 0.47
N GLY D 195 3.46 -25.09 1.40
CA GLY D 195 4.64 -25.87 1.05
C GLY D 195 5.90 -25.05 0.81
N GLN D 196 5.75 -23.72 0.75
CA GLN D 196 6.88 -22.79 0.54
C GLN D 196 7.76 -22.67 1.79
N SER D 197 8.96 -22.13 1.62
CA SER D 197 9.90 -21.95 2.73
C SER D 197 10.35 -20.52 3.04
N TRP D 198 10.74 -20.29 4.29
CA TRP D 198 11.45 -19.08 4.75
C TRP D 198 12.12 -18.41 3.55
N PRO D 199 11.56 -17.28 3.09
CA PRO D 199 11.97 -16.72 1.79
C PRO D 199 13.32 -16.01 1.86
N GLU D 200 13.92 -15.73 0.71
CA GLU D 200 15.23 -15.08 0.64
C GLU D 200 15.22 -13.63 1.16
N SER D 201 14.16 -12.88 0.91
CA SER D 201 14.01 -11.51 1.46
C SER D 201 14.11 -11.46 2.98
N LEU D 202 13.58 -12.47 3.66
CA LEU D 202 13.68 -12.51 5.11
C LEU D 202 15.06 -12.91 5.61
N ILE D 203 15.75 -13.78 4.86
CA ILE D 203 17.14 -14.12 5.19
C ILE D 203 18.01 -12.87 5.09
N ARG D 204 17.71 -12.05 4.08
CA ARG D 204 18.44 -10.80 3.88
C ARG D 204 18.17 -9.86 5.04
N LYS D 205 16.88 -9.73 5.39
CA LYS D 205 16.43 -8.76 6.38
C LYS D 205 16.93 -9.14 7.78
N THR D 206 16.72 -10.38 8.18
CA THR D 206 16.96 -10.77 9.55
C THR D 206 18.39 -11.29 9.77
N GLY D 207 19.06 -11.65 8.69
CA GLY D 207 20.33 -12.35 8.78
C GLY D 207 20.14 -13.79 9.26
N TYR D 208 18.89 -14.27 9.30
CA TYR D 208 18.58 -15.62 9.74
C TYR D 208 18.40 -16.60 8.57
N THR D 209 19.19 -17.68 8.57
CA THR D 209 19.05 -18.77 7.63
C THR D 209 18.12 -19.79 8.23
N LEU D 210 17.73 -20.77 7.42
CA LEU D 210 17.00 -21.94 7.91
C LEU D 210 17.89 -22.76 8.87
N GLU D 211 19.19 -22.69 8.69
CA GLU D 211 20.09 -23.38 9.61
C GLU D 211 20.04 -22.76 11.03
N SER D 212 20.16 -21.43 11.15
CA SER D 212 20.07 -20.77 12.45
C SER D 212 18.71 -20.99 13.13
N LEU D 213 17.63 -21.03 12.35
CA LEU D 213 16.29 -21.27 12.90
C LEU D 213 16.00 -22.73 13.28
N LYS D 214 16.87 -23.66 12.86
CA LYS D 214 16.67 -25.11 13.07
C LYS D 214 16.30 -25.52 14.51
N PRO D 215 17.17 -25.27 15.48
CA PRO D 215 16.86 -25.70 16.85
C PRO D 215 15.45 -25.29 17.30
N CYS D 216 15.08 -24.02 17.09
CA CYS D 216 13.76 -23.52 17.45
C CYS D 216 12.65 -24.18 16.61
N LEU D 217 12.91 -24.28 15.31
CA LEU D 217 12.04 -24.99 14.40
C LEU D 217 11.71 -26.38 14.92
N MET D 218 12.73 -27.17 15.28
CA MET D 218 12.57 -28.53 15.82
C MET D 218 11.65 -28.60 17.01
N ASP D 219 11.76 -27.59 17.87
CA ASP D 219 10.99 -27.55 19.11
C ASP D 219 9.55 -27.19 18.79
N LEU D 220 9.40 -26.19 17.93
CA LEU D 220 8.09 -25.66 17.58
C LEU D 220 7.28 -26.73 16.86
N HIS D 221 7.98 -27.51 16.04
CA HIS D 221 7.36 -28.65 15.36
C HIS D 221 6.78 -29.65 16.36
N GLN D 222 7.60 -30.02 17.35
CA GLN D 222 7.17 -30.89 18.43
C GLN D 222 5.95 -30.28 19.15
N THR D 223 6.05 -28.99 19.49
CA THR D 223 4.98 -28.31 20.19
C THR D 223 3.71 -28.41 19.34
N TYR D 224 3.85 -28.12 18.05
CA TYR D 224 2.71 -28.17 17.13
C TYR D 224 2.14 -29.59 17.05
N LEU D 225 3.02 -30.59 16.89
CA LEU D 225 2.58 -31.98 16.81
C LEU D 225 1.81 -32.45 18.05
N LYS D 226 2.21 -31.97 19.22
CA LYS D 226 1.62 -32.40 20.49
C LYS D 226 0.55 -31.48 21.03
N ALA D 227 0.28 -30.38 20.32
CA ALA D 227 -0.72 -29.39 20.79
C ALA D 227 -2.08 -29.93 21.22
N PRO D 228 -2.63 -30.96 20.55
CA PRO D 228 -3.96 -31.47 20.93
C PRO D 228 -3.96 -32.33 22.21
N GLN D 229 -2.77 -32.78 22.68
CA GLN D 229 -2.66 -33.51 23.95
C GLN D 229 -2.20 -32.66 25.17
N HIS D 230 -1.72 -31.43 24.91
CA HIS D 230 -1.26 -30.53 25.95
C HIS D 230 -2.32 -30.33 27.06
N ALA D 231 -1.88 -30.19 28.30
CA ALA D 231 -2.76 -29.89 29.43
C ALA D 231 -3.56 -28.58 29.23
N GLN D 232 -2.91 -27.56 28.65
CA GLN D 232 -3.52 -26.25 28.39
C GLN D 232 -4.08 -26.14 26.96
N GLN D 233 -5.34 -25.74 26.81
CA GLN D 233 -6.04 -25.84 25.52
C GLN D 233 -6.69 -24.54 25.00
N SER D 234 -6.70 -23.50 25.83
CA SER D 234 -7.29 -22.21 25.45
C SER D 234 -6.84 -21.66 24.09
N ILE D 235 -5.60 -21.92 23.68
CA ILE D 235 -5.10 -21.32 22.46
C ILE D 235 -5.64 -22.10 21.27
N ARG D 236 -5.54 -23.43 21.34
CA ARG D 236 -6.22 -24.28 20.35
C ARG D 236 -7.70 -23.96 20.19
N GLU D 237 -8.41 -23.72 21.31
CA GLU D 237 -9.82 -23.34 21.21
C GLU D 237 -9.97 -21.96 20.55
N LYS D 238 -9.19 -20.98 21.00
CA LYS D 238 -9.12 -19.67 20.35
C LYS D 238 -8.99 -19.75 18.82
N TYR D 239 -7.99 -20.49 18.35
CA TYR D 239 -7.66 -20.52 16.93
C TYR D 239 -8.54 -21.50 16.14
N LYS D 240 -9.61 -21.98 16.78
CA LYS D 240 -10.59 -22.89 16.16
C LYS D 240 -11.64 -22.09 15.40
N ASN D 241 -11.98 -20.89 15.91
CA ASN D 241 -12.98 -19.99 15.31
C ASN D 241 -12.71 -19.57 13.87
N SER D 242 -13.70 -18.93 13.26
CA SER D 242 -13.61 -18.46 11.88
C SER D 242 -12.80 -17.15 11.74
N LYS D 243 -12.72 -16.39 12.82
CA LYS D 243 -11.93 -15.17 12.82
C LYS D 243 -10.44 -15.49 12.58
N TYR D 244 -10.04 -16.69 12.99
CA TYR D 244 -8.67 -17.15 12.77
C TYR D 244 -8.57 -18.23 11.71
N HIS D 245 -9.67 -18.37 10.94
CA HIS D 245 -9.80 -19.35 9.84
C HIS D 245 -9.61 -20.82 10.25
N GLY D 246 -9.91 -21.14 11.51
CA GLY D 246 -9.82 -22.49 12.04
C GLY D 246 -8.47 -23.16 11.83
N VAL D 247 -7.40 -22.37 11.84
CA VAL D 247 -6.06 -22.87 11.53
C VAL D 247 -5.55 -23.93 12.50
N SER D 248 -6.10 -23.95 13.74
CA SER D 248 -5.70 -24.95 14.72
C SER D 248 -6.23 -26.35 14.41
N LEU D 249 -7.19 -26.41 13.47
CA LEU D 249 -7.76 -27.68 13.03
C LEU D 249 -6.94 -28.34 11.91
N LEU D 250 -6.03 -27.59 11.30
CA LEU D 250 -5.19 -28.11 10.23
C LEU D 250 -4.21 -29.14 10.77
N ASN D 251 -3.75 -30.05 9.91
CA ASN D 251 -2.76 -31.04 10.31
C ASN D 251 -1.33 -30.57 10.14
N PRO D 252 -0.53 -30.70 11.22
CA PRO D 252 0.91 -30.45 11.15
C PRO D 252 1.55 -31.43 10.21
N PRO D 253 2.49 -30.99 9.37
CA PRO D 253 3.18 -31.92 8.46
C PRO D 253 4.03 -32.87 9.28
N GLU D 254 4.20 -34.11 8.84
CA GLU D 254 4.87 -35.15 9.64
C GLU D 254 6.40 -34.97 9.74
N THR D 255 7.01 -34.56 8.64
CA THR D 255 8.44 -34.23 8.64
C THR D 255 8.66 -32.82 8.09
N LEU D 256 9.79 -32.20 8.45
CA LEU D 256 10.15 -30.88 7.92
C LEU D 256 11.27 -30.92 6.88
N ASN D 257 11.96 -32.07 6.77
CA ASN D 257 13.09 -32.23 5.84
C ASN D 257 14.10 -31.10 5.89
N LEU D 258 14.73 -30.94 7.06
CA LEU D 258 15.62 -29.80 7.31
C LEU D 258 17.08 -30.22 7.49
N6 DT5 E . 12.74 10.37 -38.95
S1 DT5 E . 11.70 11.58 -38.94
O2 DT5 E . 11.89 12.40 -40.10
O3 DT5 E . 11.91 12.35 -37.76
C16 DT5 E . 10.05 10.95 -38.96
C15 DT5 E . 9.24 11.12 -40.09
C17 DT5 E . 9.55 10.27 -37.82
C18 DT5 E . 8.24 9.77 -37.83
C14 DT5 E . 7.94 10.62 -40.10
C13 DT5 E . 7.44 9.92 -38.98
N5 DT5 E . 6.15 9.50 -38.98
C9 DT5 E . 5.74 8.38 -38.34
N2 DT5 E . 4.46 8.20 -38.08
C10 DT5 E . 4.00 7.09 -37.51
N1 DT5 E . 4.83 6.08 -37.14
N4 DT5 E . 2.70 7.20 -37.35
C11 DT5 E . 2.33 8.41 -37.87
N3 DT5 E . 3.44 9.02 -38.32
C8 DT5 E . 6.63 7.37 -38.03
C7 DT5 E . 6.15 6.21 -37.39
O1 DT5 E . 7.03 5.21 -37.05
C1 DT5 E . 6.52 4.33 -36.12
C2 DT5 E . 7.58 3.26 -35.86
C3 DT5 E . 8.87 3.93 -35.39
C4 DT5 E . 8.62 4.67 -34.08
C5 DT5 E . 7.51 5.71 -34.26
C6 DT5 E . 6.22 5.06 -34.80
N6 DT5 F . 4.34 29.16 30.11
S1 DT5 F . 5.89 29.36 29.74
O2 DT5 F . 6.46 30.46 30.46
O3 DT5 F . 6.01 29.63 28.33
C16 DT5 F . 6.76 27.87 30.14
C15 DT5 F . 7.77 27.90 31.10
C17 DT5 F . 6.39 26.66 29.52
C18 DT5 F . 7.06 25.49 29.87
C14 DT5 F . 8.45 26.73 31.42
C13 DT5 F . 8.08 25.52 30.83
N5 DT5 F . 8.77 24.39 31.15
C9 DT5 F . 8.19 23.14 31.09
N2 DT5 F . 8.96 22.05 31.09
C10 DT5 F . 8.45 20.84 31.02
N1 DT5 F . 7.12 20.62 31.01
N4 DT5 F . 9.45 19.95 30.98
C11 DT5 F . 10.61 20.66 31.00
N3 DT5 F . 10.28 21.99 31.07
C8 DT5 F . 6.80 22.99 31.11
C7 DT5 F . 6.27 21.69 31.04
O1 DT5 F . 4.91 21.51 31.04
C1 DT5 F . 4.58 20.22 30.68
C2 DT5 F . 3.06 20.06 30.73
C3 DT5 F . 2.41 21.06 29.76
C4 DT5 F . 2.90 20.81 28.34
C5 DT5 F . 4.42 20.94 28.29
C6 DT5 F . 5.06 19.93 29.25
#